data_8B4I
#
_entry.id   8B4I
#
_cell.length_a   1.00
_cell.length_b   1.00
_cell.length_c   1.00
_cell.angle_alpha   90.00
_cell.angle_beta   90.00
_cell.angle_gamma   90.00
#
_symmetry.space_group_name_H-M   'P 1'
#
loop_
_entity.id
_entity.type
_entity.pdbx_description
1 polymer 'Mitochondrial import receptor subunit Tom40'
2 polymer 'Mitochondrial import receptor subunit Tom22'
3 polymer 'Translocase of outer mitochondrial membrane subunit 5'
4 polymer TOM6
5 polymer TOM7
6 non-polymer "2-[2-[(1~{S},2~{S},4~{S},5'~{R},6~{R},7~{S},8~{R},9~{S},12~{S},13~{R},16~{S})-5',7,9,13-tetramethylspiro[5-oxapentacyclo[10.8.0.0^{2,9}.0^{4,8}.0^{13,18}]icos-18-ene-6,2'-oxane]-16-yl]oxyethyl]propane-1,3-diol"
7 non-polymer 'DIUNDECYL PHOSPHATIDYL CHOLINE'
#
loop_
_entity_poly.entity_id
_entity_poly.type
_entity_poly.pdbx_seq_one_letter_code
_entity_poly.pdbx_strand_id
1 'polypeptide(L)'
;MASFSTESPLAMLRDNAIYSSLSDAFNAFQERRKQFGLSNPGTIETIAREVQRDTLLTNYMFSGLRADVTKAFSLAPLFQ
VSHQFAMGERLNPYAFAALYGTNQIFAQGNLDNEGALSTRFNYRWGDRTITKTQFSIGGGQDMAQFEHEHLGDDFSASLK
AINPSFLDGGLTGIFVGDYLQAVTPRLGLGLQAVWQRQGLTQGPDTAISYFARYKAGDWVASAQLQAQGALNTSFWKKLT
DRVQAGVDMTLSVAPSQSMMGGLTKEGITTFGAKYDFRMSTFRAQIDSKGKLSCLLEKRLGAAPVTLTFAADVDHVTQQA
KLGMSVSIEASDVDLQEQQEGAQSLNIPF
;
A,B
2 'polypeptide(L)'
;MVQLTEVEDEHFQQPQVGPEEDDEDFTDTDSEISVDSDYESQETFTDRLYALRDMVSPTTRGWFYHKYSTTTNFVKSTLS
FAGRAAWAVSVSGLLIGVPFAIAFAEDQNYAAMEQEARMRELGSDVLTAGGEGQAGTAEKTLAAIGGEGARPALHHHHHH
;
C,D
3 'polypeptide(L)' MFGGFQPPALSREELQAAEAEATFTIQRAVFTAVALYLSPFVIDAVSKVL E,F
4 'polypeptide(L)' MPSAKYIERPGGSRKSKGFIRSTYDSLTSSENASVVRSIAFFGAAVAFLSSSWGEMLVVQ G,H
5 'polypeptide(L)' MFALSEESKERIGKLIDISRVVVHYGYLPLILYLGYTRSVPRPSIIRLLSPLS I,J
#
loop_
_chem_comp.id
_chem_comp.type
_chem_comp.name
_chem_comp.formula
DU0 non-polymer 2-[2-[(1~{S},2~{S},4~{S},5'~{R},6~{R},7~{S},8~{R},9~{S},12~{S},13~{R},16~{S})-5',7,9,13-tetramethylspiro[5-oxapentacyclo[10.8.0.0^{2,9}.0^{4,8}.0^{13,18}]icos-18-ene-6,2'-oxane]-16-yl]oxyethyl]propane-1,3-diol 'C32 H52 O5'
PLC non-polymer 'DIUNDECYL PHOSPHATIDYL CHOLINE' 'C32 H65 N O8 P 1'
#
# COMPACT_ATOMS: atom_id res chain seq x y z
N ALA A 25 15.93 -48.67 -39.01
CA ALA A 25 15.96 -47.68 -40.09
C ALA A 25 15.78 -46.27 -39.53
N PHE A 26 15.44 -46.16 -38.24
CA PHE A 26 15.23 -44.86 -37.64
C PHE A 26 16.47 -43.99 -37.70
N ASN A 27 17.65 -44.59 -37.86
CA ASN A 27 18.87 -43.79 -37.99
C ASN A 27 18.85 -42.97 -39.28
N ALA A 28 18.25 -43.50 -40.34
CA ALA A 28 18.17 -42.75 -41.60
C ALA A 28 17.40 -41.44 -41.40
N PHE A 29 16.31 -41.49 -40.63
CA PHE A 29 15.57 -40.26 -40.34
C PHE A 29 16.45 -39.24 -39.65
N GLN A 30 17.21 -39.66 -38.64
CA GLN A 30 18.04 -38.72 -37.90
C GLN A 30 19.09 -38.06 -38.79
N GLU A 31 19.74 -38.86 -39.64
CA GLU A 31 20.74 -38.30 -40.54
C GLU A 31 20.14 -37.27 -41.48
N ARG A 32 18.83 -37.34 -41.74
CA ARG A 32 18.16 -36.34 -42.55
C ARG A 32 17.78 -35.12 -41.72
N ARG A 33 17.30 -35.34 -40.49
CA ARG A 33 16.94 -34.23 -39.62
C ARG A 33 18.13 -33.34 -39.33
N LYS A 34 19.29 -33.95 -39.05
CA LYS A 34 20.48 -33.17 -38.75
C LYS A 34 20.88 -32.25 -39.88
N GLN A 35 20.44 -32.54 -41.11
CA GLN A 35 20.77 -31.67 -42.23
C GLN A 35 20.18 -30.28 -42.06
N PHE A 36 18.99 -30.19 -41.46
CA PHE A 36 18.35 -28.91 -41.23
C PHE A 36 18.93 -28.25 -39.99
N GLY A 37 18.59 -26.98 -39.81
CA GLY A 37 19.02 -26.20 -38.67
C GLY A 37 18.04 -26.14 -37.53
N LEU A 38 17.07 -27.05 -37.47
CA LEU A 38 16.03 -26.97 -36.47
C LEU A 38 16.62 -27.03 -35.07
N SER A 39 15.85 -26.51 -34.10
CA SER A 39 16.26 -26.51 -32.71
C SER A 39 15.01 -26.50 -31.83
N ASN A 40 15.22 -26.81 -30.56
CA ASN A 40 14.10 -27.00 -29.64
C ASN A 40 13.26 -25.73 -29.56
N PRO A 41 11.94 -25.82 -29.77
CA PRO A 41 11.10 -24.61 -29.69
C PRO A 41 10.62 -24.29 -28.29
N GLY A 42 11.03 -25.03 -27.27
CA GLY A 42 10.46 -24.84 -25.95
C GLY A 42 9.24 -25.72 -25.76
N THR A 43 8.36 -25.29 -24.85
CA THR A 43 7.17 -26.04 -24.51
C THR A 43 5.93 -25.20 -24.77
N ILE A 44 4.80 -25.88 -24.93
CA ILE A 44 3.52 -25.22 -25.16
C ILE A 44 3.27 -24.25 -24.02
N GLU A 45 3.51 -24.69 -22.79
CA GLU A 45 3.26 -23.84 -21.63
C GLU A 45 4.12 -22.58 -21.65
N THR A 46 5.26 -22.61 -22.32
CA THR A 46 6.15 -21.46 -22.41
C THR A 46 6.15 -20.82 -23.78
N ILE A 47 5.12 -21.06 -24.60
CA ILE A 47 5.12 -20.52 -25.95
C ILE A 47 5.08 -19.01 -25.95
N ALA A 48 4.57 -18.40 -24.88
CA ALA A 48 4.55 -16.95 -24.74
C ALA A 48 5.24 -16.51 -23.45
N ARG A 49 6.37 -17.15 -23.12
CA ARG A 49 7.06 -16.80 -21.89
C ARG A 49 7.59 -15.37 -21.93
N GLU A 50 8.11 -14.94 -23.07
CA GLU A 50 8.72 -13.62 -23.13
C GLU A 50 7.71 -12.53 -22.77
N VAL A 51 6.49 -12.61 -23.30
CA VAL A 51 5.50 -11.58 -23.08
C VAL A 51 4.85 -11.76 -21.71
N GLN A 52 4.35 -12.97 -21.44
CA GLN A 52 3.50 -13.17 -20.28
C GLN A 52 4.26 -13.56 -19.02
N ARG A 53 5.57 -13.72 -19.09
CA ARG A 53 6.35 -14.10 -17.93
C ARG A 53 7.48 -13.14 -17.60
N ASP A 54 8.15 -12.59 -18.61
CA ASP A 54 9.29 -11.71 -18.37
C ASP A 54 8.91 -10.24 -18.30
N THR A 55 8.00 -9.78 -19.15
CA THR A 55 7.71 -8.36 -19.23
C THR A 55 6.43 -7.97 -18.52
N LEU A 56 5.31 -8.61 -18.81
CA LEU A 56 4.05 -8.23 -18.20
C LEU A 56 4.07 -8.53 -16.70
N LEU A 57 3.26 -7.78 -15.96
CA LEU A 57 3.21 -7.85 -14.51
C LEU A 57 2.22 -8.87 -13.98
N THR A 58 1.47 -9.55 -14.86
CA THR A 58 0.31 -10.32 -14.40
C THR A 58 0.68 -11.29 -13.28
N ASN A 59 1.87 -11.88 -13.34
CA ASN A 59 2.24 -12.91 -12.38
C ASN A 59 2.97 -12.36 -11.16
N TYR A 60 3.36 -11.08 -11.16
CA TYR A 60 4.16 -10.53 -10.07
C TYR A 60 3.41 -9.51 -9.22
N MET A 61 2.26 -9.01 -9.69
CA MET A 61 1.53 -8.01 -8.95
C MET A 61 0.99 -8.61 -7.65
N PHE A 62 0.85 -7.77 -6.63
CA PHE A 62 0.29 -8.20 -5.36
C PHE A 62 -0.26 -6.98 -4.62
N SER A 63 -0.74 -7.23 -3.41
CA SER A 63 -1.32 -6.19 -2.58
C SER A 63 -0.88 -6.38 -1.13
N GLY A 64 -0.89 -5.28 -0.38
CA GLY A 64 -0.51 -5.32 1.01
C GLY A 64 0.96 -5.63 1.19
N LEU A 65 1.39 -5.63 2.45
CA LEU A 65 2.77 -5.89 2.78
C LEU A 65 3.12 -7.36 2.56
N ARG A 66 4.40 -7.62 2.40
CA ARG A 66 4.89 -8.98 2.19
C ARG A 66 6.38 -9.01 2.51
N ALA A 67 6.88 -10.19 2.87
CA ALA A 67 8.29 -10.34 3.21
C ALA A 67 8.68 -11.80 3.04
N ASP A 68 9.89 -12.04 2.55
CA ASP A 68 10.39 -13.39 2.33
C ASP A 68 11.81 -13.48 2.88
N VAL A 69 11.97 -14.20 3.99
CA VAL A 69 13.27 -14.46 4.58
C VAL A 69 13.74 -15.81 4.08
N THR A 70 14.94 -15.85 3.50
CA THR A 70 15.47 -17.07 2.90
C THR A 70 16.89 -17.30 3.39
N LYS A 71 17.29 -18.56 3.44
CA LYS A 71 18.63 -18.95 3.83
C LYS A 71 19.07 -20.13 2.98
N ALA A 72 20.26 -20.03 2.40
CA ALA A 72 20.80 -21.09 1.55
C ALA A 72 21.96 -21.75 2.28
N PHE A 73 21.85 -23.07 2.47
CA PHE A 73 22.86 -23.83 3.20
C PHE A 73 23.87 -24.50 2.28
N SER A 74 23.59 -24.59 0.99
CA SER A 74 24.52 -25.22 0.07
C SER A 74 24.00 -25.03 -1.35
N LEU A 75 24.81 -25.46 -2.32
CA LEU A 75 24.46 -25.37 -3.72
C LEU A 75 24.65 -26.68 -4.49
N ALA A 76 25.30 -27.67 -3.90
CA ALA A 76 25.57 -28.94 -4.57
C ALA A 76 25.71 -30.03 -3.53
N PRO A 77 24.60 -30.58 -3.04
CA PRO A 77 23.22 -30.36 -3.47
C PRO A 77 22.68 -28.99 -3.09
N LEU A 78 21.72 -28.48 -3.84
CA LEU A 78 21.06 -27.22 -3.49
C LEU A 78 20.11 -27.47 -2.34
N PHE A 79 20.31 -26.77 -1.23
CA PHE A 79 19.43 -26.84 -0.09
C PHE A 79 19.08 -25.42 0.31
N GLN A 80 17.81 -25.18 0.63
CA GLN A 80 17.36 -23.82 0.85
C GLN A 80 16.08 -23.85 1.68
N VAL A 81 15.94 -22.86 2.56
CA VAL A 81 14.78 -22.73 3.42
C VAL A 81 14.33 -21.27 3.38
N SER A 82 13.02 -21.05 3.50
CA SER A 82 12.52 -19.69 3.41
C SER A 82 11.15 -19.59 4.06
N HIS A 83 10.93 -18.48 4.75
CA HIS A 83 9.64 -18.15 5.34
C HIS A 83 9.06 -16.98 4.57
N GLN A 84 7.73 -16.98 4.40
CA GLN A 84 7.04 -15.88 3.75
C GLN A 84 5.94 -15.36 4.67
N PHE A 85 5.96 -14.05 4.92
CA PHE A 85 4.93 -13.37 5.68
C PHE A 85 4.16 -12.45 4.75
N ALA A 86 2.86 -12.31 4.97
CA ALA A 86 2.03 -11.45 4.15
C ALA A 86 0.88 -10.91 4.99
N MET A 87 0.29 -9.82 4.51
CA MET A 87 -0.76 -9.14 5.25
C MET A 87 -1.71 -8.46 4.27
N GLY A 88 -2.55 -7.58 4.82
CA GLY A 88 -3.46 -6.83 3.97
C GLY A 88 -4.44 -7.73 3.26
N GLU A 89 -4.88 -7.30 2.09
CA GLU A 89 -5.75 -8.13 1.26
C GLU A 89 -5.07 -9.44 0.88
N ARG A 90 -3.74 -9.49 0.93
CA ARG A 90 -2.99 -10.73 0.77
C ARG A 90 -3.10 -11.54 2.07
N LEU A 91 -4.30 -12.09 2.27
CA LEU A 91 -4.68 -12.57 3.60
C LEU A 91 -3.80 -13.72 4.08
N ASN A 92 -3.31 -14.57 3.17
CA ASN A 92 -2.53 -15.72 3.57
C ASN A 92 -1.35 -15.27 4.44
N PRO A 93 -1.38 -15.49 5.75
CA PRO A 93 -0.46 -14.76 6.63
C PRO A 93 0.90 -15.40 6.84
N TYR A 94 1.12 -16.63 6.38
CA TYR A 94 2.42 -17.25 6.60
C TYR A 94 2.56 -18.48 5.72
N ALA A 95 3.78 -18.78 5.32
CA ALA A 95 4.07 -19.97 4.54
C ALA A 95 5.54 -20.33 4.69
N PHE A 96 5.81 -21.46 5.35
CA PHE A 96 7.15 -22.00 5.40
C PHE A 96 7.43 -22.83 4.16
N ALA A 97 8.66 -22.74 3.65
CA ALA A 97 9.01 -23.42 2.42
C ALA A 97 10.44 -23.94 2.50
N ALA A 98 10.62 -25.17 2.03
CA ALA A 98 11.94 -25.79 1.99
C ALA A 98 12.16 -26.34 0.60
N LEU A 99 13.43 -26.38 0.18
CA LEU A 99 13.78 -26.72 -1.18
C LEU A 99 15.07 -27.52 -1.19
N TYR A 100 15.04 -28.70 -1.79
CA TYR A 100 16.21 -29.54 -1.93
C TYR A 100 16.33 -29.97 -3.39
N GLY A 101 17.51 -29.80 -3.96
CA GLY A 101 17.69 -30.08 -5.37
C GLY A 101 19.07 -30.60 -5.66
N THR A 102 19.15 -31.49 -6.65
CA THR A 102 20.42 -32.03 -7.11
C THR A 102 20.26 -32.42 -8.57
N ASN A 103 21.33 -33.00 -9.13
CA ASN A 103 21.34 -33.32 -10.55
C ASN A 103 20.17 -34.21 -10.93
N GLN A 104 19.76 -35.11 -10.04
CA GLN A 104 18.72 -36.07 -10.38
C GLN A 104 17.36 -35.71 -9.80
N ILE A 105 17.34 -35.06 -8.64
CA ILE A 105 16.10 -34.87 -7.88
C ILE A 105 15.95 -33.40 -7.52
N PHE A 106 14.71 -32.92 -7.57
CA PHE A 106 14.35 -31.61 -7.04
C PHE A 106 13.07 -31.76 -6.25
N ALA A 107 13.11 -31.46 -4.95
CA ALA A 107 11.95 -31.59 -4.10
C ALA A 107 11.73 -30.29 -3.36
N GLN A 108 10.48 -29.85 -3.32
CA GLN A 108 10.14 -28.57 -2.73
C GLN A 108 8.78 -28.71 -2.06
N GLY A 109 8.50 -27.85 -1.09
CA GLY A 109 7.24 -27.92 -0.38
C GLY A 109 6.96 -26.67 0.40
N ASN A 110 5.74 -26.17 0.27
CA ASN A 110 5.24 -25.05 1.07
C ASN A 110 4.26 -25.58 2.09
N LEU A 111 4.14 -24.85 3.20
CA LEU A 111 3.21 -25.21 4.27
C LEU A 111 2.60 -23.93 4.80
N ASP A 112 1.44 -23.57 4.28
CA ASP A 112 0.85 -22.27 4.57
C ASP A 112 0.28 -22.26 5.98
N ASN A 113 -0.36 -21.14 6.34
CA ASN A 113 -0.79 -20.94 7.72
C ASN A 113 -1.82 -21.98 8.15
N GLU A 114 -2.80 -22.26 7.30
CA GLU A 114 -3.87 -23.18 7.66
C GLU A 114 -3.46 -24.65 7.56
N GLY A 115 -2.18 -24.94 7.36
CA GLY A 115 -1.71 -26.30 7.29
C GLY A 115 -1.74 -26.93 5.92
N ALA A 116 -2.28 -26.23 4.92
CA ALA A 116 -2.32 -26.79 3.58
C ALA A 116 -0.90 -26.93 3.02
N LEU A 117 -0.61 -28.09 2.47
CA LEU A 117 0.72 -28.40 1.95
C LEU A 117 0.67 -28.37 0.43
N SER A 118 1.54 -27.56 -0.17
CA SER A 118 1.73 -27.55 -1.61
C SER A 118 3.16 -28.00 -1.92
N THR A 119 3.29 -29.03 -2.73
CA THR A 119 4.57 -29.69 -2.92
C THR A 119 4.94 -29.72 -4.40
N ARG A 120 6.15 -30.17 -4.66
CA ARG A 120 6.65 -30.37 -6.01
C ARG A 120 7.79 -31.37 -5.94
N PHE A 121 7.91 -32.22 -6.96
CA PHE A 121 8.93 -33.27 -6.94
C PHE A 121 9.17 -33.72 -8.37
N ASN A 122 10.35 -33.41 -8.91
CA ASN A 122 10.71 -33.74 -10.28
C ASN A 122 11.91 -34.69 -10.26
N TYR A 123 11.79 -35.79 -10.98
CA TYR A 123 12.87 -36.76 -11.09
C TYR A 123 13.31 -36.86 -12.54
N ARG A 124 14.61 -36.74 -12.76
CA ARG A 124 15.17 -36.74 -14.11
C ARG A 124 15.52 -38.15 -14.54
N TRP A 125 15.01 -38.56 -15.70
CA TRP A 125 15.36 -39.85 -16.26
C TRP A 125 16.61 -39.79 -17.11
N GLY A 126 16.88 -38.65 -17.71
CA GLY A 126 18.02 -38.52 -18.58
C GLY A 126 18.31 -37.07 -18.89
N ASP A 127 19.11 -36.87 -19.94
CA ASP A 127 19.54 -35.52 -20.27
C ASP A 127 18.37 -34.61 -20.61
N ARG A 128 17.26 -35.17 -21.09
CA ARG A 128 16.18 -34.39 -21.65
C ARG A 128 14.81 -34.65 -21.07
N THR A 129 14.58 -35.77 -20.41
CA THR A 129 13.25 -36.17 -19.95
C THR A 129 13.22 -36.12 -18.42
N ILE A 130 12.23 -35.44 -17.87
CA ILE A 130 12.03 -35.37 -16.43
C ILE A 130 10.54 -35.54 -16.12
N THR A 131 10.26 -36.34 -15.10
CA THR A 131 8.88 -36.63 -14.70
C THR A 131 8.51 -35.74 -13.53
N LYS A 132 7.90 -34.60 -13.83
CA LYS A 132 7.49 -33.69 -12.77
C LYS A 132 6.35 -34.30 -11.97
N THR A 133 6.01 -33.63 -10.87
CA THR A 133 4.90 -34.02 -10.02
C THR A 133 4.56 -32.85 -9.13
N GLN A 134 3.29 -32.75 -8.75
CA GLN A 134 2.84 -31.63 -7.94
C GLN A 134 1.59 -32.03 -7.18
N PHE A 135 1.64 -31.96 -5.86
CA PHE A 135 0.52 -32.30 -5.00
C PHE A 135 0.09 -31.07 -4.22
N SER A 136 -1.21 -30.95 -4.00
CA SER A 136 -1.77 -29.97 -3.08
C SER A 136 -2.67 -30.73 -2.12
N ILE A 137 -2.39 -30.60 -0.82
CA ILE A 137 -3.09 -31.39 0.20
C ILE A 137 -3.57 -30.43 1.28
N GLY A 138 -4.69 -30.78 1.91
CA GLY A 138 -5.31 -29.91 2.87
C GLY A 138 -5.96 -28.71 2.21
N GLY A 139 -6.48 -27.81 3.04
CA GLY A 139 -7.10 -26.63 2.49
C GLY A 139 -8.31 -26.96 1.62
N GLY A 140 -8.51 -26.14 0.60
CA GLY A 140 -9.70 -26.23 -0.23
C GLY A 140 -9.91 -27.58 -0.89
N GLN A 141 -9.04 -27.95 -1.82
CA GLN A 141 -9.21 -29.16 -2.61
C GLN A 141 -7.90 -29.92 -2.69
N ASP A 142 -7.94 -31.21 -2.40
CA ASP A 142 -6.78 -32.07 -2.60
C ASP A 142 -6.59 -32.36 -4.07
N MET A 143 -5.36 -32.20 -4.55
CA MET A 143 -5.08 -32.33 -5.97
C MET A 143 -3.72 -32.99 -6.15
N ALA A 144 -3.62 -33.84 -7.17
CA ALA A 144 -2.36 -34.44 -7.57
C ALA A 144 -2.21 -34.27 -9.08
N GLN A 145 -0.98 -34.03 -9.52
CA GLN A 145 -0.73 -33.72 -10.93
C GLN A 145 0.61 -34.30 -11.33
N PHE A 146 0.59 -35.16 -12.34
CA PHE A 146 1.79 -35.78 -12.89
C PHE A 146 2.01 -35.29 -14.31
N GLU A 147 3.26 -35.34 -14.77
CA GLU A 147 3.53 -35.03 -16.16
C GLU A 147 4.94 -35.49 -16.51
N HIS A 148 5.07 -36.10 -17.69
CA HIS A 148 6.32 -36.65 -18.18
C HIS A 148 6.74 -35.84 -19.39
N GLU A 149 7.66 -34.89 -19.18
CA GLU A 149 8.04 -33.92 -20.20
C GLU A 149 9.29 -34.39 -20.91
N HIS A 150 9.27 -34.33 -22.25
CA HIS A 150 10.40 -34.71 -23.08
C HIS A 150 10.77 -33.54 -23.96
N LEU A 151 12.02 -33.09 -23.86
CA LEU A 151 12.50 -31.95 -24.64
C LEU A 151 13.46 -32.48 -25.71
N GLY A 152 12.89 -32.90 -26.83
CA GLY A 152 13.67 -33.47 -27.89
C GLY A 152 14.61 -32.47 -28.51
N ASP A 153 15.34 -32.93 -29.53
CA ASP A 153 16.27 -32.06 -30.23
C ASP A 153 15.55 -31.04 -31.10
N ASP A 154 14.36 -31.36 -31.60
CA ASP A 154 13.60 -30.41 -32.41
C ASP A 154 12.12 -30.41 -32.08
N PHE A 155 11.73 -30.84 -30.88
CA PHE A 155 10.32 -30.84 -30.50
C PHE A 155 10.22 -31.00 -29.00
N SER A 156 9.04 -30.69 -28.46
CA SER A 156 8.75 -30.89 -27.06
C SER A 156 7.40 -31.59 -26.93
N ALA A 157 7.38 -32.63 -26.11
CA ALA A 157 6.16 -33.38 -25.84
C ALA A 157 5.96 -33.47 -24.35
N SER A 158 4.71 -33.63 -23.93
CA SER A 158 4.38 -33.69 -22.52
C SER A 158 2.99 -34.27 -22.34
N LEU A 159 2.89 -35.32 -21.53
CA LEU A 159 1.61 -35.90 -21.17
C LEU A 159 1.37 -35.67 -19.69
N LYS A 160 0.27 -35.00 -19.38
CA LYS A 160 -0.04 -34.60 -18.01
C LYS A 160 -1.32 -35.28 -17.58
N ALA A 161 -1.40 -35.61 -16.29
CA ALA A 161 -2.60 -36.19 -15.70
C ALA A 161 -2.89 -35.49 -14.39
N ILE A 162 -4.13 -35.05 -14.23
CA ILE A 162 -4.57 -34.32 -13.04
C ILE A 162 -5.62 -35.16 -12.33
N ASN A 163 -5.37 -35.44 -11.06
CA ASN A 163 -6.25 -36.27 -10.24
C ASN A 163 -6.65 -37.55 -11.00
N PRO A 164 -5.68 -38.29 -11.52
CA PRO A 164 -6.02 -39.53 -12.23
C PRO A 164 -6.64 -40.54 -11.28
N SER A 165 -7.52 -41.37 -11.83
CA SER A 165 -8.16 -42.39 -11.02
C SER A 165 -8.75 -43.46 -11.93
N PHE A 166 -8.63 -44.71 -11.49
CA PHE A 166 -9.27 -45.84 -12.13
C PHE A 166 -10.21 -46.57 -11.18
N LEU A 167 -10.38 -46.07 -9.97
CA LEU A 167 -11.17 -46.75 -8.95
C LEU A 167 -12.67 -46.68 -9.19
N ASP A 168 -13.13 -45.86 -10.13
CA ASP A 168 -14.53 -45.79 -10.48
C ASP A 168 -14.92 -46.85 -11.50
N GLY A 169 -14.13 -47.90 -11.65
CA GLY A 169 -14.40 -48.90 -12.66
C GLY A 169 -13.93 -48.54 -14.05
N GLY A 170 -13.34 -47.37 -14.22
CA GLY A 170 -12.84 -46.96 -15.52
C GLY A 170 -11.95 -45.75 -15.38
N LEU A 171 -11.23 -45.45 -16.46
CA LEU A 171 -10.32 -44.31 -16.45
C LEU A 171 -11.09 -43.03 -16.12
N THR A 172 -10.50 -42.19 -15.28
CA THR A 172 -11.17 -40.99 -14.83
C THR A 172 -10.13 -39.96 -14.42
N GLY A 173 -10.49 -38.69 -14.62
CA GLY A 173 -9.60 -37.58 -14.37
C GLY A 173 -9.45 -36.70 -15.59
N ILE A 174 -8.39 -35.89 -15.57
CA ILE A 174 -8.06 -35.00 -16.67
C ILE A 174 -6.70 -35.41 -17.21
N PHE A 175 -6.61 -35.55 -18.54
CA PHE A 175 -5.36 -35.92 -19.19
C PHE A 175 -5.08 -34.93 -20.31
N VAL A 176 -3.87 -34.38 -20.32
CA VAL A 176 -3.47 -33.38 -21.29
C VAL A 176 -2.22 -33.87 -22.01
N GLY A 177 -2.24 -33.76 -23.33
CA GLY A 177 -1.08 -34.10 -24.12
C GLY A 177 -0.61 -32.94 -24.95
N ASP A 178 0.56 -32.39 -24.64
CA ASP A 178 1.11 -31.26 -25.37
C ASP A 178 2.04 -31.75 -26.47
N TYR A 179 2.35 -30.87 -27.41
CA TYR A 179 3.28 -31.19 -28.48
C TYR A 179 3.61 -29.92 -29.24
N LEU A 180 4.89 -29.67 -29.46
CA LEU A 180 5.34 -28.46 -30.13
C LEU A 180 6.52 -28.82 -31.02
N GLN A 181 6.41 -28.48 -32.30
CA GLN A 181 7.33 -28.95 -33.32
C GLN A 181 7.96 -27.77 -34.05
N ALA A 182 9.25 -27.87 -34.33
CA ALA A 182 9.92 -26.89 -35.18
C ALA A 182 9.86 -27.35 -36.62
N VAL A 183 9.31 -26.51 -37.50
CA VAL A 183 9.13 -26.87 -38.90
C VAL A 183 10.20 -26.20 -39.74
N THR A 184 10.66 -25.05 -39.28
CA THR A 184 11.70 -24.28 -39.96
C THR A 184 12.34 -23.40 -38.91
N PRO A 185 13.67 -23.19 -38.97
CA PRO A 185 14.40 -22.72 -37.78
C PRO A 185 13.74 -21.55 -37.07
N ARG A 186 12.81 -20.84 -37.68
CA ARG A 186 12.18 -19.70 -37.04
C ARG A 186 10.78 -20.00 -36.51
N LEU A 187 10.03 -20.89 -37.16
CA LEU A 187 8.61 -21.08 -36.89
C LEU A 187 8.40 -22.39 -36.15
N GLY A 188 7.54 -22.36 -35.13
CA GLY A 188 7.19 -23.56 -34.38
C GLY A 188 5.69 -23.72 -34.29
N LEU A 189 5.21 -24.93 -34.58
CA LEU A 189 3.80 -25.25 -34.56
C LEU A 189 3.56 -26.39 -33.59
N GLY A 190 2.38 -26.41 -32.98
CA GLY A 190 2.07 -27.47 -32.04
C GLY A 190 0.62 -27.40 -31.60
N LEU A 191 0.19 -28.44 -30.89
CA LEU A 191 -1.19 -28.55 -30.44
C LEU A 191 -1.22 -29.20 -29.08
N GLN A 192 -2.28 -28.90 -28.33
CA GLN A 192 -2.48 -29.44 -26.99
C GLN A 192 -3.84 -30.13 -26.95
N ALA A 193 -3.84 -31.45 -26.99
CA ALA A 193 -5.07 -32.22 -26.90
C ALA A 193 -5.41 -32.48 -25.44
N VAL A 194 -6.71 -32.55 -25.16
CA VAL A 194 -7.20 -32.76 -23.80
C VAL A 194 -8.21 -33.89 -23.83
N TRP A 195 -8.35 -34.57 -22.69
CA TRP A 195 -9.33 -35.63 -22.52
C TRP A 195 -9.67 -35.71 -21.04
N GLN A 196 -10.95 -35.67 -20.72
CA GLN A 196 -11.33 -35.63 -19.31
C GLN A 196 -12.73 -36.21 -19.13
N ARG A 197 -12.92 -36.88 -18.00
CA ARG A 197 -14.23 -37.37 -17.60
C ARG A 197 -14.32 -37.29 -16.09
N GLN A 198 -15.37 -36.63 -15.59
CA GLN A 198 -15.60 -36.51 -14.14
C GLN A 198 -16.60 -37.57 -13.72
N GLY A 199 -16.13 -38.82 -13.71
CA GLY A 199 -16.98 -39.93 -13.29
C GLY A 199 -17.64 -40.62 -14.46
N LEU A 200 -17.88 -41.93 -14.33
CA LEU A 200 -18.47 -42.70 -15.41
C LEU A 200 -19.96 -42.43 -15.59
N THR A 201 -20.53 -41.46 -14.86
CA THR A 201 -21.93 -41.13 -15.04
C THR A 201 -22.19 -40.40 -16.36
N GLN A 202 -21.16 -39.80 -16.95
CA GLN A 202 -21.32 -38.97 -18.14
C GLN A 202 -20.26 -39.33 -19.17
N GLY A 203 -20.48 -38.87 -20.39
CA GLY A 203 -19.52 -39.06 -21.46
C GLY A 203 -18.30 -38.20 -21.27
N PRO A 204 -17.18 -38.60 -21.87
CA PRO A 204 -15.95 -37.82 -21.72
C PRO A 204 -16.04 -36.49 -22.45
N ASP A 205 -15.19 -35.55 -22.03
CA ASP A 205 -15.08 -34.25 -22.68
C ASP A 205 -13.70 -34.12 -23.30
N THR A 206 -13.65 -33.70 -24.56
CA THR A 206 -12.40 -33.61 -25.30
C THR A 206 -12.32 -32.25 -25.98
N ALA A 207 -11.09 -31.84 -26.25
CA ALA A 207 -10.83 -30.56 -26.89
C ALA A 207 -9.44 -30.59 -27.51
N ILE A 208 -9.19 -29.64 -28.41
CA ILE A 208 -7.88 -29.45 -29.00
C ILE A 208 -7.62 -27.96 -29.12
N SER A 209 -6.40 -27.56 -28.84
CA SER A 209 -5.95 -26.19 -29.00
C SER A 209 -4.70 -26.16 -29.87
N TYR A 210 -4.68 -25.24 -30.83
CA TYR A 210 -3.57 -25.13 -31.75
C TYR A 210 -2.70 -23.93 -31.38
N PHE A 211 -1.40 -24.10 -31.53
CA PHE A 211 -0.42 -23.11 -31.10
C PHE A 211 0.57 -22.85 -32.23
N ALA A 212 1.10 -21.63 -32.26
CA ALA A 212 2.11 -21.24 -33.22
C ALA A 212 3.07 -20.27 -32.57
N ARG A 213 4.30 -20.21 -33.08
CA ARG A 213 5.32 -19.34 -32.52
C ARG A 213 6.35 -19.03 -33.60
N TYR A 214 6.65 -17.75 -33.78
CA TYR A 214 7.63 -17.29 -34.75
C TYR A 214 8.64 -16.42 -34.04
N LYS A 215 9.93 -16.70 -34.26
CA LYS A 215 11.01 -15.97 -33.61
C LYS A 215 11.95 -15.42 -34.67
N ALA A 216 12.17 -14.11 -34.64
CA ALA A 216 13.17 -13.47 -35.46
C ALA A 216 14.35 -13.06 -34.60
N GLY A 217 15.30 -12.36 -35.22
CA GLY A 217 16.49 -11.96 -34.50
C GLY A 217 16.20 -11.10 -33.29
N ASP A 218 15.11 -10.34 -33.33
CA ASP A 218 14.84 -9.34 -32.29
C ASP A 218 13.42 -9.38 -31.76
N TRP A 219 12.53 -10.17 -32.34
CA TRP A 219 11.13 -10.16 -31.90
C TRP A 219 10.55 -11.56 -32.02
N VAL A 220 9.52 -11.82 -31.22
CA VAL A 220 8.87 -13.12 -31.13
C VAL A 220 7.37 -12.92 -31.10
N ALA A 221 6.65 -13.64 -31.96
CA ALA A 221 5.20 -13.55 -32.03
C ALA A 221 4.62 -14.96 -31.91
N SER A 222 3.53 -15.07 -31.15
CA SER A 222 2.94 -16.38 -30.88
C SER A 222 1.43 -16.23 -30.75
N ALA A 223 0.71 -17.26 -31.18
CA ALA A 223 -0.75 -17.27 -31.14
C ALA A 223 -1.21 -18.61 -30.57
N GLN A 224 -2.41 -18.60 -30.00
CA GLN A 224 -2.96 -19.80 -29.34
C GLN A 224 -4.46 -19.83 -29.58
N LEU A 225 -4.89 -20.67 -30.51
CA LEU A 225 -6.32 -20.84 -30.80
C LEU A 225 -6.85 -21.91 -29.85
N GLN A 226 -7.43 -21.47 -28.74
CA GLN A 226 -7.81 -22.40 -27.69
C GLN A 226 -9.16 -23.05 -28.00
N ALA A 227 -9.55 -23.98 -27.11
CA ALA A 227 -10.68 -24.85 -27.40
C ALA A 227 -11.99 -24.06 -27.47
N GLN A 228 -12.18 -23.10 -26.57
CA GLN A 228 -13.46 -22.42 -26.46
C GLN A 228 -13.68 -21.37 -27.54
N GLY A 229 -12.87 -21.36 -28.59
CA GLY A 229 -12.90 -20.29 -29.57
C GLY A 229 -12.11 -19.08 -29.15
N ALA A 230 -11.65 -19.02 -27.90
CA ALA A 230 -10.83 -17.91 -27.45
C ALA A 230 -9.48 -17.93 -28.15
N LEU A 231 -8.99 -16.75 -28.50
CA LEU A 231 -7.74 -16.58 -29.22
C LEU A 231 -6.82 -15.68 -28.42
N ASN A 232 -5.58 -16.10 -28.24
CA ASN A 232 -4.59 -15.34 -27.51
C ASN A 232 -3.38 -15.11 -28.40
N THR A 233 -2.97 -13.85 -28.54
CA THR A 233 -1.87 -13.47 -29.41
C THR A 233 -0.91 -12.59 -28.62
N SER A 234 0.38 -12.68 -28.94
CA SER A 234 1.40 -11.97 -28.20
C SER A 234 2.51 -11.54 -29.14
N PHE A 235 3.27 -10.53 -28.72
CA PHE A 235 4.35 -9.98 -29.52
C PHE A 235 5.38 -9.36 -28.59
N TRP A 236 6.64 -9.77 -28.75
CA TRP A 236 7.72 -9.34 -27.88
C TRP A 236 8.88 -8.86 -28.73
N LYS A 237 9.39 -7.67 -28.43
CA LYS A 237 10.51 -7.09 -29.16
C LYS A 237 11.54 -6.59 -28.17
N LYS A 238 12.80 -6.96 -28.38
CA LYS A 238 13.90 -6.55 -27.52
C LYS A 238 14.53 -5.29 -28.13
N LEU A 239 14.13 -4.12 -27.61
CA LEU A 239 14.64 -2.87 -28.15
C LEU A 239 16.15 -2.75 -27.96
N THR A 240 16.63 -3.03 -26.75
CA THR A 240 18.07 -3.09 -26.49
C THR A 240 18.33 -4.12 -25.41
N ASP A 241 19.61 -4.30 -25.08
CA ASP A 241 19.97 -5.32 -24.11
C ASP A 241 19.29 -5.10 -22.76
N ARG A 242 18.92 -3.86 -22.46
CA ARG A 242 18.33 -3.54 -21.17
C ARG A 242 16.84 -3.24 -21.23
N VAL A 243 16.27 -3.08 -22.42
CA VAL A 243 14.89 -2.63 -22.57
C VAL A 243 14.13 -3.64 -23.42
N GLN A 244 12.97 -4.07 -22.94
CA GLN A 244 12.11 -4.98 -23.65
C GLN A 244 10.68 -4.48 -23.58
N ALA A 245 9.87 -4.86 -24.56
CA ALA A 245 8.47 -4.48 -24.58
C ALA A 245 7.67 -5.52 -25.33
N GLY A 246 6.45 -5.75 -24.88
CA GLY A 246 5.60 -6.74 -25.52
C GLY A 246 4.14 -6.46 -25.25
N VAL A 247 3.30 -6.97 -26.13
CA VAL A 247 1.86 -6.77 -26.07
C VAL A 247 1.17 -8.10 -26.31
N ASP A 248 0.13 -8.38 -25.53
CA ASP A 248 -0.66 -9.59 -25.70
C ASP A 248 -2.13 -9.24 -25.72
N MET A 249 -2.89 -10.01 -26.50
CA MET A 249 -4.30 -9.73 -26.73
C MET A 249 -5.08 -11.01 -26.55
N THR A 250 -6.23 -10.93 -25.88
CA THR A 250 -7.08 -12.09 -25.62
C THR A 250 -8.49 -11.80 -26.11
N LEU A 251 -9.02 -12.69 -26.93
CA LEU A 251 -10.40 -12.64 -27.37
C LEU A 251 -11.10 -13.91 -26.91
N SER A 252 -12.35 -13.78 -26.49
CA SER A 252 -13.11 -14.92 -25.99
C SER A 252 -14.57 -14.76 -26.31
N VAL A 253 -15.28 -15.88 -26.34
CA VAL A 253 -16.70 -15.91 -26.66
C VAL A 253 -17.38 -16.92 -25.75
N ALA A 254 -18.60 -16.61 -25.33
CA ALA A 254 -19.34 -17.45 -24.41
C ALA A 254 -20.73 -17.71 -25.00
N PRO A 255 -21.41 -18.77 -24.56
CA PRO A 255 -22.66 -19.17 -25.23
C PRO A 255 -23.84 -18.31 -24.82
N SER A 256 -24.37 -17.56 -25.79
CA SER A 256 -25.68 -16.93 -25.68
C SER A 256 -25.96 -16.33 -24.31
N GLN A 257 -25.11 -15.41 -23.86
CA GLN A 257 -25.38 -14.75 -22.58
C GLN A 257 -26.62 -13.87 -22.64
N SER A 258 -27.12 -13.55 -23.83
CA SER A 258 -28.33 -12.75 -23.97
C SER A 258 -29.59 -13.53 -23.65
N MET A 259 -29.49 -14.85 -23.43
CA MET A 259 -30.64 -15.70 -23.11
C MET A 259 -31.61 -15.81 -24.29
N MET A 260 -31.19 -15.38 -25.48
CA MET A 260 -32.03 -15.47 -26.67
C MET A 260 -31.21 -15.93 -27.87
N GLY A 261 -30.21 -16.78 -27.63
CA GLY A 261 -29.35 -17.24 -28.70
C GLY A 261 -28.16 -16.32 -28.90
N GLY A 262 -27.40 -16.62 -29.95
CA GLY A 262 -26.21 -15.85 -30.25
C GLY A 262 -25.08 -16.19 -29.31
N LEU A 263 -24.02 -15.37 -29.39
CA LEU A 263 -22.83 -15.54 -28.58
C LEU A 263 -22.32 -14.18 -28.15
N THR A 264 -21.94 -14.07 -26.88
CA THR A 264 -21.37 -12.84 -26.37
C THR A 264 -19.86 -12.83 -26.60
N LYS A 265 -19.31 -11.63 -26.79
CA LYS A 265 -17.93 -11.46 -27.21
C LYS A 265 -17.24 -10.48 -26.27
N GLU A 266 -15.95 -10.72 -26.01
CA GLU A 266 -15.17 -9.86 -25.14
C GLU A 266 -13.70 -10.04 -25.44
N GLY A 267 -12.90 -9.08 -25.01
CA GLY A 267 -11.47 -9.16 -25.22
C GLY A 267 -10.74 -8.08 -24.45
N ILE A 268 -9.45 -8.31 -24.26
CA ILE A 268 -8.59 -7.40 -23.50
C ILE A 268 -7.16 -7.56 -24.00
N THR A 269 -6.47 -6.43 -24.14
CA THR A 269 -5.08 -6.41 -24.59
C THR A 269 -4.27 -5.50 -23.69
N THR A 270 -3.07 -5.95 -23.35
CA THR A 270 -2.20 -5.23 -22.44
C THR A 270 -0.86 -4.98 -23.12
N PHE A 271 -0.26 -3.83 -22.82
CA PHE A 271 1.03 -3.42 -23.36
C PHE A 271 1.96 -3.13 -22.20
N GLY A 272 3.16 -3.69 -22.24
CA GLY A 272 4.07 -3.54 -21.14
C GLY A 272 5.52 -3.54 -21.58
N ALA A 273 6.37 -2.99 -20.73
CA ALA A 273 7.80 -2.90 -21.00
C ALA A 273 8.57 -3.16 -19.71
N LYS A 274 9.77 -3.70 -19.86
CA LYS A 274 10.64 -3.98 -18.72
C LYS A 274 11.99 -3.33 -18.96
N TYR A 275 12.48 -2.59 -17.96
CA TYR A 275 13.77 -1.94 -18.01
C TYR A 275 14.70 -2.60 -16.99
N ASP A 276 15.85 -3.06 -17.45
CA ASP A 276 16.87 -3.65 -16.59
C ASP A 276 17.96 -2.61 -16.36
N PHE A 277 18.14 -2.22 -15.11
CA PHE A 277 19.23 -1.33 -14.71
C PHE A 277 20.29 -2.12 -13.96
N ARG A 278 21.36 -1.43 -13.59
CA ARG A 278 22.45 -2.10 -12.91
C ARG A 278 22.00 -2.67 -11.57
N MET A 279 21.22 -1.91 -10.82
CA MET A 279 20.76 -2.33 -9.50
C MET A 279 19.25 -2.20 -9.35
N SER A 280 18.49 -2.42 -10.42
CA SER A 280 17.04 -2.31 -10.34
C SER A 280 16.42 -2.92 -11.59
N THR A 281 15.11 -3.14 -11.51
CA THR A 281 14.33 -3.66 -12.62
C THR A 281 12.94 -3.06 -12.56
N PHE A 282 12.51 -2.41 -13.63
CA PHE A 282 11.27 -1.66 -13.66
C PHE A 282 10.37 -2.16 -14.77
N ARG A 283 9.10 -2.39 -14.46
CA ARG A 283 8.13 -2.87 -15.41
C ARG A 283 6.87 -2.03 -15.34
N ALA A 284 6.31 -1.70 -16.50
CA ALA A 284 5.08 -0.92 -16.59
C ALA A 284 4.15 -1.61 -17.55
N GLN A 285 2.85 -1.38 -17.40
CA GLN A 285 1.85 -2.11 -18.16
C GLN A 285 0.53 -1.36 -18.10
N ILE A 286 -0.19 -1.36 -19.22
CA ILE A 286 -1.50 -0.73 -19.31
C ILE A 286 -2.43 -1.65 -20.08
N ASP A 287 -3.59 -1.95 -19.49
CA ASP A 287 -4.58 -2.80 -20.12
C ASP A 287 -5.39 -2.00 -21.13
N SER A 288 -6.33 -2.68 -21.78
CA SER A 288 -7.28 -2.01 -22.67
C SER A 288 -8.47 -1.52 -21.88
N LYS A 289 -8.60 -1.96 -20.62
CA LYS A 289 -9.67 -1.51 -19.74
C LYS A 289 -9.24 -0.33 -18.87
N GLY A 290 -8.24 0.42 -19.29
CA GLY A 290 -7.82 1.60 -18.57
C GLY A 290 -7.15 1.34 -17.24
N LYS A 291 -6.56 0.15 -17.06
CA LYS A 291 -5.90 -0.18 -15.81
C LYS A 291 -4.40 -0.10 -15.99
N LEU A 292 -3.76 0.80 -15.25
CA LEU A 292 -2.34 1.06 -15.36
C LEU A 292 -1.62 0.46 -14.15
N SER A 293 -0.54 -0.26 -14.39
CA SER A 293 0.19 -0.96 -13.34
C SER A 293 1.66 -0.65 -13.45
N CYS A 294 2.38 -0.81 -12.33
CA CYS A 294 3.80 -0.52 -12.25
C CYS A 294 4.43 -1.38 -11.18
N LEU A 295 5.69 -1.77 -11.39
CA LEU A 295 6.40 -2.62 -10.44
C LEU A 295 7.88 -2.29 -10.50
N LEU A 296 8.46 -1.97 -9.36
CA LEU A 296 9.87 -1.57 -9.27
C LEU A 296 10.57 -2.49 -8.28
N GLU A 297 11.64 -3.13 -8.72
CA GLU A 297 12.49 -3.94 -7.86
C GLU A 297 13.83 -3.26 -7.71
N LYS A 298 14.22 -2.98 -6.47
CA LYS A 298 15.49 -2.31 -6.18
C LYS A 298 16.28 -3.17 -5.21
N ARG A 299 17.57 -3.32 -5.47
CA ARG A 299 18.46 -4.09 -4.62
C ARG A 299 19.39 -3.13 -3.88
N LEU A 300 19.46 -3.28 -2.57
CA LEU A 300 20.12 -2.29 -1.71
C LEU A 300 21.60 -2.62 -1.60
N GLY A 301 22.38 -2.06 -2.51
CA GLY A 301 23.82 -2.11 -2.40
C GLY A 301 24.35 -3.52 -2.31
N ALA A 302 25.40 -3.69 -1.50
CA ALA A 302 26.05 -4.98 -1.35
C ALA A 302 25.22 -5.98 -0.57
N ALA A 303 24.29 -5.51 0.27
CA ALA A 303 23.46 -6.40 1.06
C ALA A 303 22.50 -7.15 0.14
N PRO A 304 21.99 -8.30 0.59
CA PRO A 304 21.11 -9.10 -0.26
C PRO A 304 19.66 -8.64 -0.29
N VAL A 305 19.28 -7.65 0.51
CA VAL A 305 17.89 -7.22 0.55
C VAL A 305 17.48 -6.68 -0.81
N THR A 306 16.21 -6.87 -1.17
CA THR A 306 15.65 -6.35 -2.41
C THR A 306 14.22 -5.91 -2.17
N LEU A 307 13.98 -4.61 -2.27
CA LEU A 307 12.64 -4.05 -2.10
C LEU A 307 11.88 -4.13 -3.40
N THR A 308 10.58 -4.42 -3.29
CA THR A 308 9.70 -4.51 -4.45
C THR A 308 8.48 -3.64 -4.20
N PHE A 309 8.29 -2.63 -5.05
CA PHE A 309 7.16 -1.73 -4.96
CA PHE A 309 7.16 -1.73 -4.96
C PHE A 309 6.23 -1.96 -6.14
N ALA A 310 4.98 -2.29 -5.86
CA ALA A 310 4.00 -2.59 -6.89
C ALA A 310 2.77 -1.72 -6.68
N ALA A 311 2.40 -0.96 -7.71
CA ALA A 311 1.24 -0.09 -7.66
C ALA A 311 0.34 -0.39 -8.84
N ASP A 312 -0.95 -0.15 -8.66
CA ASP A 312 -1.95 -0.53 -9.65
C ASP A 312 -3.10 0.45 -9.58
N VAL A 313 -3.38 1.13 -10.69
CA VAL A 313 -4.40 2.17 -10.74
C VAL A 313 -5.38 1.84 -11.84
N ASP A 314 -6.67 1.85 -11.51
CA ASP A 314 -7.74 1.61 -12.47
C ASP A 314 -8.43 2.95 -12.72
N HIS A 315 -8.20 3.50 -13.91
CA HIS A 315 -8.68 4.85 -14.19
C HIS A 315 -10.20 4.94 -14.33
N VAL A 316 -10.86 3.85 -14.71
CA VAL A 316 -12.32 3.90 -14.83
C VAL A 316 -12.95 4.17 -13.46
N THR A 317 -12.47 3.49 -12.42
CA THR A 317 -13.01 3.66 -11.08
C THR A 317 -12.13 4.52 -10.19
N GLN A 318 -10.93 4.86 -10.63
CA GLN A 318 -10.01 5.71 -9.87
C GLN A 318 -9.58 5.08 -8.55
N GLN A 319 -9.78 3.78 -8.40
CA GLN A 319 -9.29 3.07 -7.22
C GLN A 319 -7.88 2.55 -7.48
N ALA A 320 -7.11 2.41 -6.41
CA ALA A 320 -5.71 2.02 -6.50
C ALA A 320 -5.40 0.92 -5.51
N LYS A 321 -4.51 0.02 -5.92
CA LYS A 321 -3.99 -1.04 -5.07
C LYS A 321 -2.49 -0.89 -4.95
N LEU A 322 -1.99 -1.09 -3.73
CA LEU A 322 -0.58 -0.83 -3.42
C LEU A 322 0.00 -2.01 -2.69
N GLY A 323 1.28 -2.26 -2.92
CA GLY A 323 1.96 -3.38 -2.26
C GLY A 323 3.44 -3.13 -2.19
N MET A 324 4.03 -3.52 -1.06
CA MET A 324 5.47 -3.41 -0.82
C MET A 324 5.97 -4.74 -0.32
N SER A 325 7.14 -5.15 -0.79
CA SER A 325 7.73 -6.42 -0.39
C SER A 325 9.22 -6.23 -0.14
N VAL A 326 9.74 -6.97 0.84
CA VAL A 326 11.16 -6.99 1.15
C VAL A 326 11.60 -8.45 1.17
N SER A 327 12.58 -8.78 0.34
CA SER A 327 13.12 -10.12 0.26
C SER A 327 14.55 -10.12 0.78
N ILE A 328 14.82 -11.01 1.73
CA ILE A 328 16.14 -11.12 2.35
C ILE A 328 16.70 -12.49 2.00
N GLU A 329 18.01 -12.60 1.92
CA GLU A 329 18.67 -13.87 1.60
C GLU A 329 20.02 -13.93 2.31
N ALA A 330 20.05 -14.56 3.48
CA ALA A 330 21.31 -14.90 4.10
C ALA A 330 21.90 -16.13 3.40
N SER A 331 23.09 -16.53 3.83
CA SER A 331 23.73 -17.69 3.25
C SER A 331 24.95 -18.08 4.05
N ASP A 332 25.19 -19.38 4.15
CA ASP A 332 26.38 -19.94 4.77
C ASP A 332 27.28 -20.65 3.76
N VAL A 333 27.33 -20.16 2.52
CA VAL A 333 28.06 -20.81 1.45
C VAL A 333 29.24 -19.94 1.04
N ASP A 334 30.42 -20.53 1.00
CA ASP A 334 31.55 -19.92 0.31
C ASP A 334 31.31 -20.08 -1.18
N LEU A 335 30.95 -18.98 -1.84
CA LEU A 335 30.43 -19.08 -3.21
C LEU A 335 31.39 -19.84 -4.11
N GLN A 336 32.67 -19.43 -4.13
CA GLN A 336 33.63 -20.09 -5.01
C GLN A 336 33.86 -21.54 -4.63
N GLU A 337 33.59 -21.91 -3.37
CA GLU A 337 33.73 -23.31 -2.97
C GLU A 337 32.75 -24.20 -3.72
N GLN A 338 31.50 -23.75 -3.87
CA GLN A 338 30.46 -24.56 -4.49
C GLN A 338 29.92 -23.97 -5.78
N GLN A 339 30.26 -22.74 -6.12
CA GLN A 339 29.74 -22.13 -7.35
C GLN A 339 30.18 -22.93 -8.57
N GLU A 340 31.43 -23.42 -8.57
CA GLU A 340 31.90 -24.22 -9.68
C GLU A 340 31.04 -25.46 -9.91
N GLY A 341 30.46 -26.02 -8.86
CA GLY A 341 29.55 -27.13 -9.00
C GLY A 341 28.16 -26.70 -9.41
N ALA A 342 27.71 -25.56 -8.89
CA ALA A 342 26.38 -25.07 -9.23
C ALA A 342 26.26 -24.76 -10.71
N GLN A 343 27.31 -24.16 -11.29
CA GLN A 343 27.28 -23.82 -12.71
C GLN A 343 27.10 -25.04 -13.59
N SER A 344 27.45 -26.24 -13.09
CA SER A 344 27.26 -27.47 -13.82
C SER A 344 26.16 -28.36 -13.24
N LEU A 345 25.55 -27.98 -12.12
CA LEU A 345 24.51 -28.79 -11.49
C LEU A 345 23.19 -28.52 -12.18
N ASN A 346 22.75 -29.46 -13.00
CA ASN A 346 21.53 -29.30 -13.80
C ASN A 346 20.30 -29.75 -13.03
N ILE A 347 19.91 -28.92 -12.06
CA ILE A 347 18.75 -29.26 -11.22
C ILE A 347 17.51 -29.32 -12.09
N PRO A 348 16.69 -30.38 -12.01
CA PRO A 348 15.50 -30.47 -12.87
C PRO A 348 14.32 -29.70 -12.32
N PHE A 349 14.41 -28.38 -12.33
CA PHE A 349 13.32 -27.53 -11.88
C PHE A 349 12.05 -27.85 -12.65
N ALA B 25 -3.48 51.89 37.81
CA ALA B 25 -2.64 51.08 38.68
C ALA B 25 -2.18 49.81 37.97
N PHE B 26 -2.65 49.60 36.74
CA PHE B 26 -2.26 48.42 35.99
C PHE B 26 -0.75 48.35 35.79
N ASN B 27 -0.07 49.50 35.83
CA ASN B 27 1.38 49.50 35.71
C ASN B 27 2.02 48.80 36.90
N ALA B 28 1.45 48.94 38.10
CA ALA B 28 2.04 48.30 39.28
C ALA B 28 2.08 46.79 39.12
N PHE B 29 1.01 46.21 38.58
CA PHE B 29 0.99 44.76 38.36
C PHE B 29 2.14 44.33 37.45
N GLN B 30 2.32 45.04 36.33
CA GLN B 30 3.33 44.64 35.37
C GLN B 30 4.72 44.66 35.98
N GLU B 31 5.06 45.72 36.70
CA GLU B 31 6.36 45.78 37.34
C GLU B 31 6.56 44.65 38.33
N ARG B 32 5.47 44.17 38.94
CA ARG B 32 5.58 43.01 39.81
C ARG B 32 5.74 41.73 39.02
N ARG B 33 5.00 41.59 37.92
CA ARG B 33 5.07 40.38 37.11
C ARG B 33 6.47 40.17 36.56
N LYS B 34 7.10 41.23 36.06
CA LYS B 34 8.43 41.12 35.50
C LYS B 34 9.45 40.58 36.51
N GLN B 35 9.18 40.70 37.80
CA GLN B 35 10.09 40.16 38.81
C GLN B 35 10.23 38.65 38.70
N PHE B 36 9.21 37.97 38.20
CA PHE B 36 9.25 36.53 38.01
C PHE B 36 9.83 36.20 36.65
N GLY B 37 10.12 34.92 36.44
CA GLY B 37 10.65 34.42 35.20
C GLY B 37 9.62 33.81 34.26
N LEU B 38 8.35 34.14 34.44
CA LEU B 38 7.29 33.47 33.69
C LEU B 38 7.45 33.72 32.19
N SER B 39 6.87 32.81 31.39
CA SER B 39 6.92 32.93 29.95
C SER B 39 5.69 32.25 29.36
N ASN B 40 5.42 32.56 28.10
CA ASN B 40 4.19 32.09 27.47
C ASN B 40 4.14 30.57 27.47
N PRO B 41 3.06 29.96 27.95
CA PRO B 41 2.97 28.49 27.91
C PRO B 41 2.43 27.93 26.60
N GLY B 42 2.09 28.76 25.64
CA GLY B 42 1.39 28.27 24.47
C GLY B 42 -0.11 28.24 24.73
N THR B 43 -0.81 27.62 23.79
CA THR B 43 -2.27 27.57 23.83
C THR B 43 -2.74 26.23 24.39
N ILE B 44 -4.00 26.21 24.82
CA ILE B 44 -4.60 24.97 25.29
C ILE B 44 -4.54 23.90 24.21
N GLU B 45 -4.84 24.29 22.96
CA GLU B 45 -4.82 23.33 21.88
C GLU B 45 -3.44 22.72 21.70
N THR B 46 -2.38 23.44 22.07
CA THR B 46 -1.02 22.94 21.91
C THR B 46 -0.43 22.39 23.20
N ILE B 47 -1.25 22.15 24.23
CA ILE B 47 -0.72 21.73 25.52
C ILE B 47 -0.03 20.38 25.43
N ALA B 48 -0.32 19.60 24.38
CA ALA B 48 0.35 18.33 24.16
C ALA B 48 0.86 18.20 22.74
N ARG B 49 1.44 19.27 22.18
CA ARG B 49 1.91 19.23 20.81
C ARG B 49 3.09 18.27 20.67
N GLU B 50 4.00 18.27 21.63
CA GLU B 50 5.20 17.44 21.50
C GLU B 50 4.83 15.98 21.33
N VAL B 51 3.89 15.49 22.14
CA VAL B 51 3.52 14.07 22.07
C VAL B 51 2.59 13.81 20.90
N GLN B 52 1.52 14.60 20.79
CA GLN B 52 0.44 14.26 19.86
C GLN B 52 0.61 14.90 18.50
N ARG B 53 1.63 15.71 18.29
CA ARG B 53 1.83 16.39 17.00
C ARG B 53 3.18 16.13 16.38
N ASP B 54 4.24 16.08 17.18
CA ASP B 54 5.59 15.91 16.65
C ASP B 54 6.03 14.46 16.56
N THR B 55 5.73 13.63 17.56
CA THR B 55 6.24 12.27 17.62
C THR B 55 5.23 11.23 17.17
N LEU B 56 4.04 11.22 17.75
CA LEU B 56 3.07 10.20 17.39
C LEU B 56 2.60 10.38 15.95
N LEU B 57 2.16 9.27 15.37
CA LEU B 57 1.77 9.21 13.96
C LEU B 57 0.30 9.53 13.73
N THR B 58 -0.49 9.76 14.78
CA THR B 58 -1.94 9.77 14.62
C THR B 58 -2.39 10.73 13.53
N ASN B 59 -1.67 11.84 13.34
CA ASN B 59 -2.09 12.85 12.38
C ASN B 59 -1.53 12.63 10.98
N TYR B 60 -0.44 11.88 10.84
CA TYR B 60 0.24 11.76 9.56
C TYR B 60 -0.06 10.45 8.83
N MET B 61 -0.64 9.48 9.52
CA MET B 61 -0.91 8.18 8.89
C MET B 61 -1.95 8.34 7.78
N PHE B 62 -1.85 7.49 6.76
CA PHE B 62 -2.81 7.49 5.68
C PHE B 62 -2.80 6.14 4.99
N SER B 63 -3.57 6.04 3.91
CA SER B 63 -3.70 4.80 3.15
C SER B 63 -3.74 5.10 1.67
N GLY B 64 -3.34 4.11 0.87
CA GLY B 64 -3.35 4.26 -0.57
C GLY B 64 -2.31 5.27 -1.03
N LEU B 65 -2.25 5.44 -2.34
CA LEU B 65 -1.30 6.35 -2.94
C LEU B 65 -1.71 7.80 -2.70
N ARG B 66 -0.75 8.70 -2.87
CA ARG B 66 -0.99 10.12 -2.66
C ARG B 66 0.18 10.90 -3.24
N ALA B 67 -0.09 12.11 -3.70
CA ALA B 67 0.94 12.95 -4.29
C ALA B 67 0.55 14.41 -4.15
N ASP B 68 1.53 15.25 -3.82
CA ASP B 68 1.31 16.67 -3.61
C ASP B 68 2.30 17.46 -4.45
N VAL B 69 1.84 18.00 -5.56
CA VAL B 69 2.67 18.87 -6.41
C VAL B 69 2.46 20.30 -5.93
N THR B 70 3.55 20.98 -5.62
CA THR B 70 3.51 22.33 -5.07
C THR B 70 4.47 23.23 -5.84
N LYS B 71 4.13 24.51 -5.91
CA LYS B 71 4.97 25.51 -6.56
C LYS B 71 4.93 26.78 -5.74
N ALA B 72 6.11 27.33 -5.43
CA ALA B 72 6.22 28.54 -4.64
C ALA B 72 6.65 29.69 -5.55
N PHE B 73 5.81 30.71 -5.66
CA PHE B 73 6.08 31.84 -6.54
C PHE B 73 6.78 33.00 -5.83
N SER B 74 6.82 32.99 -4.50
CA SER B 74 7.49 34.07 -3.78
C SER B 74 7.53 33.71 -2.30
N LEU B 75 8.11 34.61 -1.51
CA LEU B 75 8.20 34.44 -0.07
C LEU B 75 7.85 35.68 0.72
N ALA B 76 7.78 36.85 0.09
CA ALA B 76 7.47 38.10 0.79
C ALA B 76 6.83 39.05 -0.20
N PRO B 77 5.53 38.93 -0.42
CA PRO B 77 4.56 38.06 0.27
C PRO B 77 4.76 36.59 -0.06
N LEU B 78 4.30 35.71 0.83
CA LEU B 78 4.36 34.28 0.56
C LEU B 78 3.17 33.89 -0.32
N PHE B 79 3.47 33.39 -1.51
CA PHE B 79 2.45 32.92 -2.43
C PHE B 79 2.80 31.51 -2.85
N GLN B 80 1.81 30.64 -2.92
CA GLN B 80 2.07 29.22 -3.12
C GLN B 80 0.82 28.54 -3.65
N VAL B 81 1.02 27.58 -4.55
CA VAL B 81 -0.06 26.82 -5.16
C VAL B 81 0.32 25.36 -5.12
N SER B 82 -0.67 24.49 -4.90
CA SER B 82 -0.37 23.07 -4.79
C SER B 82 -1.60 22.24 -5.12
N HIS B 83 -1.37 21.15 -5.84
CA HIS B 83 -2.40 20.18 -6.18
C HIS B 83 -2.13 18.92 -5.38
N GLN B 84 -3.18 18.28 -4.90
CA GLN B 84 -3.07 17.02 -4.17
C GLN B 84 -3.90 15.95 -4.87
N PHE B 85 -3.26 14.84 -5.21
CA PHE B 85 -3.93 13.68 -5.76
C PHE B 85 -3.91 12.56 -4.74
N ALA B 86 -4.96 11.73 -4.73
CA ALA B 86 -5.04 10.62 -3.80
C ALA B 86 -5.89 9.53 -4.42
N MET B 87 -5.74 8.31 -3.89
CA MET B 87 -6.42 7.15 -4.44
C MET B 87 -6.65 6.14 -3.33
N GLY B 88 -7.02 4.92 -3.74
CA GLY B 88 -7.21 3.85 -2.78
C GLY B 88 -8.33 4.17 -1.83
N GLU B 89 -8.22 3.67 -0.60
CA GLU B 89 -9.19 3.99 0.43
C GLU B 89 -9.22 5.48 0.73
N ARG B 90 -8.15 6.21 0.38
CA ARG B 90 -8.14 7.66 0.45
C ARG B 90 -8.96 8.23 -0.72
N LEU B 91 -10.28 8.06 -0.59
CA LEU B 91 -11.16 8.20 -1.75
C LEU B 91 -11.11 9.61 -2.34
N ASN B 92 -10.93 10.62 -1.51
CA ASN B 92 -10.93 12.00 -2.01
C ASN B 92 -9.89 12.13 -3.12
N PRO B 93 -10.30 12.24 -4.38
CA PRO B 93 -9.35 12.02 -5.47
C PRO B 93 -8.59 13.25 -5.94
N TYR B 94 -8.90 14.44 -5.45
CA TYR B 94 -8.21 15.63 -5.91
C TYR B 94 -8.52 16.79 -4.98
N ALA B 95 -7.57 17.72 -4.89
CA ALA B 95 -7.78 18.94 -4.11
C ALA B 95 -6.78 19.99 -4.54
N PHE B 96 -7.27 21.09 -5.10
CA PHE B 96 -6.44 22.22 -5.44
C PHE B 96 -6.37 23.19 -4.27
N ALA B 97 -5.17 23.67 -3.97
CA ALA B 97 -4.97 24.53 -2.81
C ALA B 97 -4.06 25.69 -3.18
N ALA B 98 -4.47 26.89 -2.75
CA ALA B 98 -3.68 28.10 -2.95
C ALA B 98 -3.49 28.77 -1.61
N LEU B 99 -2.36 29.46 -1.47
CA LEU B 99 -1.97 30.03 -0.18
C LEU B 99 -1.28 31.36 -0.42
N TYR B 100 -1.79 32.41 0.22
CA TYR B 100 -1.21 33.74 0.15
C TYR B 100 -1.05 34.26 1.57
N GLY B 101 0.15 34.71 1.90
CA GLY B 101 0.43 35.15 3.25
C GLY B 101 1.40 36.30 3.28
N THR B 102 1.23 37.17 4.27
CA THR B 102 2.12 38.29 4.48
C THR B 102 2.14 38.63 5.96
N ASN B 103 2.77 39.74 6.30
CA ASN B 103 2.94 40.11 7.69
C ASN B 103 1.61 40.24 8.42
N GLN B 104 0.59 40.77 7.72
CA GLN B 104 -0.68 41.07 8.35
C GLN B 104 -1.79 40.10 7.96
N ILE B 105 -1.65 39.37 6.86
CA ILE B 105 -2.74 38.57 6.33
C ILE B 105 -2.21 37.20 5.94
N PHE B 106 -3.01 36.17 6.19
CA PHE B 106 -2.74 34.83 5.69
C PHE B 106 -4.07 34.24 5.21
N ALA B 107 -4.18 34.01 3.91
CA ALA B 107 -5.39 33.47 3.31
C ALA B 107 -5.04 32.19 2.57
N GLN B 108 -5.86 31.16 2.77
CA GLN B 108 -5.62 29.85 2.19
C GLN B 108 -6.95 29.24 1.81
N GLY B 109 -6.92 28.30 0.88
CA GLY B 109 -8.15 27.67 0.44
C GLY B 109 -7.91 26.37 -0.28
N ASN B 110 -8.70 25.37 0.08
CA ASN B 110 -8.71 24.07 -0.56
C ASN B 110 -10.01 23.90 -1.32
N LEU B 111 -9.96 23.28 -2.49
CA LEU B 111 -11.13 23.06 -3.32
C LEU B 111 -11.09 21.62 -3.80
N ASP B 112 -11.73 20.73 -3.06
CA ASP B 112 -11.62 19.30 -3.31
C ASP B 112 -12.37 18.92 -4.57
N ASN B 113 -12.43 17.61 -4.83
CA ASN B 113 -12.99 17.15 -6.11
C ASN B 113 -14.47 17.47 -6.23
N GLU B 114 -15.24 17.22 -5.17
CA GLU B 114 -16.68 17.43 -5.23
C GLU B 114 -17.09 18.88 -5.14
N GLY B 115 -16.14 19.81 -5.22
CA GLY B 115 -16.46 21.22 -5.17
C GLY B 115 -16.50 21.83 -3.80
N ALA B 116 -16.37 21.03 -2.75
CA ALA B 116 -16.39 21.57 -1.39
C ALA B 116 -15.17 22.44 -1.15
N LEU B 117 -15.40 23.63 -0.61
CA LEU B 117 -14.35 24.60 -0.35
C LEU B 117 -14.06 24.63 1.14
N SER B 118 -12.79 24.45 1.48
CA SER B 118 -12.31 24.65 2.85
C SER B 118 -11.30 25.78 2.86
N THR B 119 -11.54 26.77 3.71
CA THR B 119 -10.78 28.01 3.64
C THR B 119 -10.11 28.28 4.98
N ARG B 120 -9.42 29.42 5.05
CA ARG B 120 -8.77 29.90 6.26
C ARG B 120 -8.32 31.32 6.00
N PHE B 121 -8.46 32.17 7.01
CA PHE B 121 -8.15 33.59 6.83
C PHE B 121 -7.86 34.19 8.20
N ASN B 122 -6.59 34.43 8.50
CA ASN B 122 -6.17 34.99 9.77
C ASN B 122 -5.65 36.41 9.56
N TYR B 123 -6.17 37.35 10.34
CA TYR B 123 -5.76 38.74 10.27
C TYR B 123 -5.12 39.14 11.59
N ARG B 124 -3.94 39.73 11.52
CA ARG B 124 -3.19 40.07 12.71
C ARG B 124 -3.51 41.50 13.15
N TRP B 125 -3.98 41.64 14.38
CA TRP B 125 -4.23 42.95 14.94
C TRP B 125 -2.98 43.59 15.51
N GLY B 126 -2.01 42.79 15.93
CA GLY B 126 -0.83 43.32 16.55
C GLY B 126 0.23 42.26 16.70
N ASP B 127 1.23 42.56 17.52
CA ASP B 127 2.36 41.65 17.67
C ASP B 127 1.91 40.29 18.18
N ARG B 128 0.91 40.27 19.07
CA ARG B 128 0.55 39.06 19.79
C ARG B 128 -0.86 38.54 19.47
N THR B 129 -1.77 39.39 19.03
CA THR B 129 -3.17 39.03 18.88
C THR B 129 -3.51 38.88 17.41
N ILE B 130 -4.12 37.76 17.03
CA ILE B 130 -4.60 37.53 15.69
C ILE B 130 -6.01 36.99 15.76
N THR B 131 -6.76 37.14 14.67
CA THR B 131 -8.16 36.74 14.61
C THR B 131 -8.32 35.70 13.51
N LYS B 132 -8.10 34.44 13.85
CA LYS B 132 -8.24 33.38 12.88
C LYS B 132 -9.68 33.28 12.40
N THR B 133 -9.88 32.54 11.33
CA THR B 133 -11.20 32.30 10.76
C THR B 133 -11.10 31.09 9.85
N GLN B 134 -12.14 30.29 9.82
CA GLN B 134 -12.12 29.05 9.05
C GLN B 134 -13.52 28.68 8.61
N PHE B 135 -13.73 28.65 7.30
CA PHE B 135 -15.02 28.30 6.73
C PHE B 135 -14.91 26.98 5.98
N SER B 136 -15.99 26.21 6.02
CA SER B 136 -16.15 25.05 5.17
C SER B 136 -17.49 25.19 4.47
N ILE B 137 -17.48 25.11 3.14
CA ILE B 137 -18.67 25.35 2.34
C ILE B 137 -18.83 24.20 1.36
N GLY B 138 -20.07 23.92 0.98
CA GLY B 138 -20.36 22.77 0.16
C GLY B 138 -20.17 21.49 0.94
N GLY B 139 -20.23 20.38 0.22
CA GLY B 139 -20.00 19.11 0.88
C GLY B 139 -21.08 18.81 1.90
N GLY B 140 -20.71 17.99 2.88
CA GLY B 140 -21.71 17.48 3.81
C GLY B 140 -22.37 18.56 4.65
N GLN B 141 -21.57 19.45 5.24
CA GLN B 141 -22.08 20.41 6.20
C GLN B 141 -21.31 21.72 6.07
N ASP B 142 -22.04 22.81 5.88
CA ASP B 142 -21.42 24.13 5.91
C ASP B 142 -21.07 24.51 7.34
N MET B 143 -19.94 25.18 7.50
CA MET B 143 -19.44 25.52 8.83
C MET B 143 -18.65 26.82 8.76
N ALA B 144 -18.77 27.61 9.82
CA ALA B 144 -17.95 28.79 10.02
C ALA B 144 -17.41 28.76 11.43
N GLN B 145 -16.20 29.30 11.62
CA GLN B 145 -15.52 29.19 12.90
C GLN B 145 -14.58 30.37 13.07
N PHE B 146 -14.93 31.28 13.96
CA PHE B 146 -14.11 32.44 14.28
C PHE B 146 -13.40 32.20 15.59
N GLU B 147 -12.27 32.87 15.79
CA GLU B 147 -11.59 32.82 17.08
C GLU B 147 -10.58 33.94 17.17
N HIS B 148 -10.54 34.59 18.33
CA HIS B 148 -9.66 35.72 18.59
C HIS B 148 -8.64 35.29 19.64
N GLU B 149 -7.42 35.03 19.21
CA GLU B 149 -6.39 34.46 20.05
C GLU B 149 -5.42 35.55 20.52
N HIS B 150 -5.12 35.55 21.81
CA HIS B 150 -4.20 36.51 22.41
C HIS B 150 -3.09 35.74 23.09
N LEU B 151 -1.87 35.87 22.58
CA LEU B 151 -0.70 35.19 23.14
C LEU B 151 0.06 36.16 24.05
N GLY B 152 -0.49 36.37 25.23
CA GLY B 152 0.09 37.29 26.18
C GLY B 152 1.51 36.92 26.54
N ASP B 153 2.13 37.80 27.35
CA ASP B 153 3.49 37.58 27.78
C ASP B 153 3.62 36.38 28.72
N ASP B 154 2.61 36.12 29.55
CA ASP B 154 2.66 34.97 30.44
C ASP B 154 1.34 34.21 30.48
N PHE B 155 0.53 34.26 29.41
CA PHE B 155 -0.71 33.51 29.36
C PHE B 155 -1.23 33.51 27.93
N SER B 156 -2.14 32.60 27.65
CA SER B 156 -2.79 32.51 26.35
C SER B 156 -4.29 32.42 26.54
N ALA B 157 -5.02 33.30 25.86
CA ALA B 157 -6.47 33.31 25.89
C ALA B 157 -6.99 33.21 24.47
N SER B 158 -8.16 32.61 24.31
CA SER B 158 -8.72 32.38 22.99
C SER B 158 -10.23 32.16 23.11
N LEU B 159 -11.01 33.06 22.53
CA LEU B 159 -12.45 32.91 22.47
C LEU B 159 -12.84 32.48 21.06
N LYS B 160 -13.55 31.37 20.97
CA LYS B 160 -13.92 30.77 19.69
C LYS B 160 -15.44 30.69 19.58
N ALA B 161 -15.93 30.82 18.36
CA ALA B 161 -17.34 30.67 18.06
C ALA B 161 -17.51 29.84 16.80
N ILE B 162 -18.35 28.81 16.88
CA ILE B 162 -18.58 27.89 15.78
C ILE B 162 -20.02 28.03 15.34
N ASN B 163 -20.24 28.33 14.08
CA ASN B 163 -21.58 28.53 13.51
C ASN B 163 -22.42 29.44 14.41
N PRO B 164 -21.91 30.62 14.76
CA PRO B 164 -22.69 31.52 15.60
C PRO B 164 -23.92 32.02 14.86
N SER B 165 -24.95 32.36 15.62
CA SER B 165 -26.18 32.87 15.03
C SER B 165 -27.05 33.52 16.09
N PHE B 166 -27.58 34.68 15.75
CA PHE B 166 -28.59 35.35 16.56
C PHE B 166 -29.95 35.38 15.88
N LEU B 167 -30.04 34.96 14.61
CA LEU B 167 -31.26 35.08 13.84
C LEU B 167 -32.40 34.22 14.39
N ASP B 168 -32.11 33.27 15.26
CA ASP B 168 -33.16 32.44 15.84
C ASP B 168 -33.86 33.12 17.01
N GLY B 169 -33.76 34.43 17.14
CA GLY B 169 -34.33 35.15 18.26
C GLY B 169 -33.46 35.18 19.49
N GLY B 170 -32.26 34.61 19.43
CA GLY B 170 -31.36 34.64 20.56
C GLY B 170 -30.03 34.02 20.17
N LEU B 171 -29.08 34.16 21.07
CA LEU B 171 -27.74 33.63 20.82
C LEU B 171 -27.81 32.13 20.59
N THR B 172 -27.03 31.65 19.62
CA THR B 172 -27.07 30.24 19.25
C THR B 172 -25.77 29.86 18.59
N GLY B 173 -25.37 28.61 18.80
CA GLY B 173 -24.10 28.10 18.31
C GLY B 173 -23.19 27.72 19.47
N ILE B 174 -22.02 27.20 19.10
CA ILE B 174 -21.03 26.73 20.06
C ILE B 174 -20.02 27.84 20.31
N PHE B 175 -19.74 28.11 21.58
CA PHE B 175 -18.76 29.11 21.97
C PHE B 175 -17.78 28.49 22.94
N VAL B 176 -16.49 28.68 22.69
CA VAL B 176 -15.43 28.08 23.49
C VAL B 176 -14.50 29.19 23.97
N GLY B 177 -14.18 29.18 25.25
CA GLY B 177 -13.22 30.11 25.80
C GLY B 177 -12.05 29.38 26.44
N ASP B 178 -10.87 29.50 25.85
CA ASP B 178 -9.68 28.85 26.37
C ASP B 178 -8.90 29.82 27.24
N TYR B 179 -8.02 29.28 28.09
CA TYR B 179 -7.19 30.10 28.95
C TYR B 179 -6.11 29.23 29.56
N LEU B 180 -4.86 29.68 29.47
CA LEU B 180 -3.72 28.93 29.97
C LEU B 180 -2.75 29.89 30.61
N GLN B 181 -2.43 29.65 31.88
CA GLN B 181 -1.69 30.60 32.70
C GLN B 181 -0.39 29.96 33.18
N ALA B 182 0.68 30.73 33.19
CA ALA B 182 1.93 30.27 33.77
C ALA B 182 2.00 30.70 35.24
N VAL B 183 2.06 29.71 36.13
CA VAL B 183 2.12 29.98 37.55
C VAL B 183 3.55 29.95 38.09
N THR B 184 4.42 29.14 37.51
CA THR B 184 5.83 29.09 37.88
C THR B 184 6.59 28.63 36.65
N PRO B 185 7.79 29.15 36.40
CA PRO B 185 8.39 29.01 35.06
C PRO B 185 8.29 27.62 34.46
N ARG B 186 8.07 26.58 35.27
CA ARG B 186 7.97 25.23 34.73
C ARG B 186 6.52 24.80 34.51
N LEU B 187 5.61 25.22 35.36
CA LEU B 187 4.26 24.68 35.41
C LEU B 187 3.26 25.67 34.80
N GLY B 188 2.30 25.16 34.05
CA GLY B 188 1.25 25.96 33.46
C GLY B 188 -0.11 25.30 33.67
N LEU B 189 -1.05 26.10 34.19
CA LEU B 189 -2.41 25.64 34.46
C LEU B 189 -3.39 26.45 33.62
N GLY B 190 -4.50 25.82 33.26
CA GLY B 190 -5.50 26.51 32.48
C GLY B 190 -6.76 25.68 32.34
N LEU B 191 -7.81 26.31 31.84
CA LEU B 191 -9.10 25.66 31.68
C LEU B 191 -9.75 26.12 30.40
N GLN B 192 -10.60 25.27 29.84
CA GLN B 192 -11.35 25.56 28.63
C GLN B 192 -12.83 25.47 28.93
N ALA B 193 -13.50 26.62 28.98
CA ALA B 193 -14.94 26.65 29.22
C ALA B 193 -15.67 26.60 27.89
N VAL B 194 -16.84 25.97 27.89
CA VAL B 194 -17.65 25.78 26.70
C VAL B 194 -19.06 26.24 26.99
N TRP B 195 -19.77 26.67 25.95
CA TRP B 195 -21.17 27.06 26.03
C TRP B 195 -21.79 26.84 24.67
N GLN B 196 -22.92 26.14 24.63
CA GLN B 196 -23.51 25.81 23.35
C GLN B 196 -25.01 25.60 23.51
N ARG B 197 -25.74 25.96 22.45
CA ARG B 197 -27.17 25.70 22.37
C ARG B 197 -27.53 25.52 20.91
N GLN B 198 -28.17 24.39 20.59
CA GLN B 198 -28.60 24.10 19.22
C GLN B 198 -30.08 24.44 19.09
N GLY B 199 -30.34 25.75 19.00
CA GLY B 199 -31.70 26.24 18.85
C GLY B 199 -32.33 26.59 20.17
N LEU B 200 -33.19 27.61 20.17
CA LEU B 200 -33.84 28.08 21.39
C LEU B 200 -34.92 27.15 21.89
N THR B 201 -35.09 25.98 21.26
CA THR B 201 -36.08 25.02 21.74
C THR B 201 -35.64 24.34 23.02
N GLN B 202 -34.35 24.32 23.31
CA GLN B 202 -33.82 23.58 24.46
C GLN B 202 -32.91 24.50 25.27
N GLY B 203 -32.62 24.07 26.49
CA GLY B 203 -31.72 24.78 27.35
C GLY B 203 -30.28 24.65 26.88
N PRO B 204 -29.43 25.60 27.28
CA PRO B 204 -28.04 25.55 26.84
C PRO B 204 -27.30 24.40 27.49
N ASP B 205 -26.18 24.02 26.88
CA ASP B 205 -25.28 23.02 27.41
C ASP B 205 -23.92 23.64 27.69
N THR B 206 -23.38 23.35 28.87
CA THR B 206 -22.13 23.94 29.31
C THR B 206 -21.22 22.85 29.86
N ALA B 207 -19.93 23.13 29.80
CA ALA B 207 -18.92 22.19 30.29
C ALA B 207 -17.65 22.95 30.60
N ILE B 208 -16.77 22.33 31.37
CA ILE B 208 -15.46 22.87 31.67
C ILE B 208 -14.46 21.73 31.62
N SER B 209 -13.27 22.02 31.10
CA SER B 209 -12.17 21.07 31.06
C SER B 209 -10.93 21.74 31.63
N TYR B 210 -10.29 21.07 32.59
CA TYR B 210 -9.11 21.60 33.25
C TYR B 210 -7.86 21.01 32.61
N PHE B 211 -6.82 21.83 32.50
CA PHE B 211 -5.60 21.45 31.82
C PHE B 211 -4.40 21.80 32.68
N ALA B 212 -3.33 21.04 32.52
CA ALA B 212 -2.08 21.29 33.22
C ALA B 212 -0.92 20.87 32.34
N ARG B 213 0.23 21.53 32.54
CA ARG B 213 1.41 21.26 31.74
C ARG B 213 2.65 21.58 32.56
N TYR B 214 3.60 20.64 32.57
CA TYR B 214 4.85 20.81 33.28
C TYR B 214 5.99 20.52 32.31
N LYS B 215 6.98 21.43 32.28
CA LYS B 215 8.11 21.31 31.36
C LYS B 215 9.39 21.43 32.14
N ALA B 216 10.15 20.34 32.22
CA ALA B 216 11.48 20.35 32.79
C ALA B 216 12.50 20.63 31.68
N GLY B 217 13.78 20.45 32.02
CA GLY B 217 14.83 20.71 31.05
C GLY B 217 14.73 19.83 29.83
N ASP B 218 14.32 18.57 30.00
CA ASP B 218 14.36 17.60 28.92
C ASP B 218 13.06 16.84 28.71
N TRP B 219 12.06 17.03 29.55
CA TRP B 219 10.82 16.28 29.41
C TRP B 219 9.63 17.18 29.73
N VAL B 220 8.49 16.85 29.14
CA VAL B 220 7.27 17.63 29.27
C VAL B 220 6.10 16.70 29.53
N ALA B 221 5.32 17.00 30.56
CA ALA B 221 4.16 16.20 30.94
C ALA B 221 2.93 17.09 31.01
N SER B 222 1.80 16.57 30.55
CA SER B 222 0.57 17.35 30.51
C SER B 222 -0.63 16.44 30.73
N ALA B 223 -1.67 17.02 31.31
CA ALA B 223 -2.90 16.30 31.60
C ALA B 223 -4.09 17.15 31.19
N GLN B 224 -5.22 16.49 30.94
CA GLN B 224 -6.43 17.19 30.46
C GLN B 224 -7.65 16.45 31.01
N LEU B 225 -8.30 17.03 32.01
CA LEU B 225 -9.56 16.51 32.54
C LEU B 225 -10.70 17.10 31.71
N GLN B 226 -11.27 16.31 30.82
CA GLN B 226 -12.25 16.84 29.89
C GLN B 226 -13.65 16.77 30.47
N ALA B 227 -14.63 17.23 29.67
CA ALA B 227 -15.99 17.41 30.17
C ALA B 227 -16.63 16.08 30.54
N GLN B 228 -16.44 15.05 29.71
CA GLN B 228 -17.13 13.79 29.89
C GLN B 228 -16.53 12.91 30.97
N GLY B 229 -15.59 13.44 31.76
CA GLY B 229 -14.83 12.63 32.68
C GLY B 229 -13.63 11.96 32.06
N ALA B 230 -13.47 12.04 30.75
CA ALA B 230 -12.31 11.47 30.09
C ALA B 230 -11.05 12.21 30.48
N LEU B 231 -9.99 11.46 30.78
CA LEU B 231 -8.71 12.00 31.20
C LEU B 231 -7.66 11.66 30.15
N ASN B 232 -6.90 12.65 29.74
CA ASN B 232 -5.85 12.46 28.76
C ASN B 232 -4.53 12.92 29.36
N THR B 233 -3.51 12.06 29.29
CA THR B 233 -2.20 12.34 29.86
C THR B 233 -1.13 12.04 28.84
N SER B 234 -0.02 12.77 28.92
CA SER B 234 1.04 12.64 27.93
C SER B 234 2.38 12.90 28.59
N PHE B 235 3.44 12.42 27.95
CA PHE B 235 4.80 12.54 28.47
C PHE B 235 5.76 12.48 27.30
N TRP B 236 6.63 13.49 27.19
CA TRP B 236 7.57 13.63 26.08
C TRP B 236 8.96 13.85 26.65
N LYS B 237 9.93 13.07 26.17
CA LYS B 237 11.30 13.20 26.61
C LYS B 237 12.23 13.24 25.40
N LYS B 238 13.14 14.21 25.40
CA LYS B 238 14.09 14.38 24.30
C LYS B 238 15.37 13.66 24.68
N LEU B 239 15.55 12.44 24.17
CA LEU B 239 16.72 11.65 24.52
C LEU B 239 17.99 12.31 24.01
N THR B 240 18.00 12.72 22.74
CA THR B 240 19.11 13.48 22.19
C THR B 240 18.56 14.42 21.13
N ASP B 241 19.45 15.22 20.56
CA ASP B 241 19.02 16.23 19.59
C ASP B 241 18.29 15.60 18.41
N ARG B 242 18.58 14.33 18.11
CA ARG B 242 17.98 13.67 16.96
C ARG B 242 16.89 12.67 17.32
N VAL B 243 16.74 12.32 18.59
CA VAL B 243 15.83 11.25 19.00
C VAL B 243 14.87 11.79 20.05
N GLN B 244 13.58 11.54 19.86
CA GLN B 244 12.54 11.92 20.80
C GLN B 244 11.61 10.73 21.00
N ALA B 245 10.96 10.70 22.15
CA ALA B 245 10.01 9.64 22.46
C ALA B 245 8.97 10.18 23.42
N GLY B 246 7.73 9.74 23.23
CA GLY B 246 6.66 10.18 24.09
C GLY B 246 5.54 9.17 24.12
N VAL B 247 4.75 9.24 25.19
CA VAL B 247 3.65 8.32 25.43
C VAL B 247 2.44 9.13 25.88
N ASP B 248 1.27 8.75 25.40
CA ASP B 248 0.02 9.38 25.79
C ASP B 248 -1.01 8.32 26.14
N MET B 249 -1.93 8.69 27.02
CA MET B 249 -2.92 7.75 27.55
C MET B 249 -4.26 8.44 27.60
N THR B 250 -5.31 7.75 27.19
CA THR B 250 -6.67 8.28 27.19
C THR B 250 -7.58 7.34 27.95
N LEU B 251 -8.31 7.88 28.92
CA LEU B 251 -9.34 7.16 29.64
C LEU B 251 -10.67 7.87 29.44
N SER B 252 -11.75 7.09 29.42
CA SER B 252 -13.06 7.66 29.17
C SER B 252 -14.12 6.76 29.78
N VAL B 253 -15.30 7.34 29.99
CA VAL B 253 -16.43 6.65 30.59
C VAL B 253 -17.70 7.13 29.89
N ALA B 254 -18.64 6.20 29.69
CA ALA B 254 -19.89 6.50 29.03
C ALA B 254 -21.03 6.00 29.89
N PRO B 255 -22.24 6.56 29.73
CA PRO B 255 -23.33 6.27 30.67
C PRO B 255 -24.04 4.96 30.35
N SER B 256 -23.97 4.01 31.28
CA SER B 256 -24.86 2.85 31.30
C SER B 256 -24.98 2.20 29.93
N GLN B 257 -23.87 1.69 29.41
CA GLN B 257 -23.93 0.89 28.19
C GLN B 257 -24.55 -0.49 28.47
N SER B 258 -24.56 -0.92 29.72
CA SER B 258 -25.15 -2.21 30.08
C SER B 258 -26.67 -2.20 30.04
N MET B 259 -27.29 -1.03 29.88
CA MET B 259 -28.75 -0.90 29.86
C MET B 259 -29.38 -1.21 31.22
N MET B 260 -28.54 -1.34 32.25
CA MET B 260 -29.02 -1.62 33.61
C MET B 260 -28.31 -0.74 34.63
N GLY B 261 -28.04 0.51 34.27
CA GLY B 261 -27.30 1.40 35.15
C GLY B 261 -25.79 1.18 35.01
N GLY B 262 -25.05 1.88 35.87
CA GLY B 262 -23.60 1.80 35.84
C GLY B 262 -23.02 2.62 34.69
N LEU B 263 -21.70 2.56 34.58
CA LEU B 263 -20.97 3.28 33.56
C LEU B 263 -19.90 2.38 32.97
N THR B 264 -19.78 2.40 31.64
CA THR B 264 -18.76 1.62 30.96
C THR B 264 -17.46 2.41 30.90
N LYS B 265 -16.35 1.68 30.88
CA LYS B 265 -15.02 2.27 30.98
C LYS B 265 -14.14 1.73 29.87
N GLU B 266 -13.23 2.57 29.38
CA GLU B 266 -12.31 2.16 28.32
C GLU B 266 -11.12 3.10 28.31
N GLY B 267 -10.05 2.68 27.66
CA GLY B 267 -8.86 3.49 27.56
C GLY B 267 -7.86 2.91 26.59
N ILE B 268 -6.93 3.75 26.17
CA ILE B 268 -5.91 3.37 25.21
C ILE B 268 -4.69 4.25 25.41
N THR B 269 -3.51 3.65 25.31
CA THR B 269 -2.26 4.37 25.46
C THR B 269 -1.31 3.95 24.35
N THR B 270 -0.61 4.92 23.79
CA THR B 270 0.30 4.69 22.67
C THR B 270 1.68 5.22 23.02
N PHE B 271 2.71 4.51 22.56
CA PHE B 271 4.09 4.86 22.79
C PHE B 271 4.79 5.00 21.45
N GLY B 272 5.48 6.11 21.25
CA GLY B 272 6.11 6.36 19.97
C GLY B 272 7.39 7.15 20.10
N ALA B 273 8.20 7.05 19.06
CA ALA B 273 9.49 7.74 19.00
C ALA B 273 9.72 8.28 17.61
N LYS B 274 10.46 9.37 17.51
CA LYS B 274 10.81 9.99 16.24
C LYS B 274 12.31 10.14 16.14
N TYR B 275 12.88 9.70 15.02
CA TYR B 275 14.30 9.81 14.75
C TYR B 275 14.52 10.78 13.61
N ASP B 276 15.37 11.78 13.83
CA ASP B 276 15.73 12.75 12.81
C ASP B 276 17.12 12.42 12.29
N PHE B 277 17.21 12.09 11.01
CA PHE B 277 18.48 11.86 10.35
C PHE B 277 18.80 13.03 9.43
N ARG B 278 19.98 12.97 8.82
CA ARG B 278 20.40 14.07 7.96
C ARG B 278 19.45 14.24 6.77
N MET B 279 19.03 13.15 6.15
CA MET B 279 18.13 13.21 5.00
C MET B 279 16.90 12.32 5.16
N SER B 280 16.40 12.15 6.38
CA SER B 280 15.23 11.30 6.59
C SER B 280 14.66 11.57 7.97
N THR B 281 13.44 11.10 8.18
CA THR B 281 12.75 11.20 9.46
C THR B 281 11.89 9.97 9.66
N PHE B 282 12.06 9.30 10.79
CA PHE B 282 11.41 8.01 11.03
C PHE B 282 10.67 8.06 12.35
N ARG B 283 9.41 7.59 12.32
CA ARG B 283 8.57 7.56 13.50
C ARG B 283 7.92 6.19 13.64
N ALA B 284 7.90 5.68 14.87
CA ALA B 284 7.29 4.40 15.16
C ALA B 284 6.37 4.57 16.35
N GLN B 285 5.39 3.67 16.46
CA GLN B 285 4.34 3.83 17.46
C GLN B 285 3.62 2.50 17.64
N ILE B 286 3.26 2.20 18.88
CA ILE B 286 2.49 1.00 19.21
C ILE B 286 1.42 1.36 20.23
N ASP B 287 0.19 0.95 19.97
CA ASP B 287 -0.93 1.23 20.83
C ASP B 287 -1.02 0.17 21.93
N SER B 288 -2.02 0.32 22.79
CA SER B 288 -2.31 -0.69 23.79
C SER B 288 -3.24 -1.74 23.23
N LYS B 289 -3.81 -1.49 22.06
CA LYS B 289 -4.67 -2.44 21.38
C LYS B 289 -3.92 -3.28 20.36
N GLY B 290 -2.59 -3.37 20.49
CA GLY B 290 -1.80 -4.22 19.62
C GLY B 290 -1.57 -3.67 18.24
N LYS B 291 -1.90 -2.41 17.97
CA LYS B 291 -1.74 -1.84 16.64
C LYS B 291 -0.39 -1.15 16.54
N LEU B 292 0.44 -1.63 15.61
CA LEU B 292 1.78 -1.13 15.42
C LEU B 292 1.84 -0.34 14.11
N SER B 293 2.44 0.85 14.16
CA SER B 293 2.49 1.75 13.02
C SER B 293 3.90 2.24 12.80
N CYS B 294 4.19 2.65 11.57
CA CYS B 294 5.52 3.11 11.19
C CYS B 294 5.40 4.09 10.03
N LEU B 295 6.23 5.13 10.05
CA LEU B 295 6.22 6.14 9.00
C LEU B 295 7.63 6.61 8.73
N LEU B 296 8.03 6.59 7.46
CA LEU B 296 9.38 6.94 7.05
C LEU B 296 9.30 8.02 5.98
N GLU B 297 9.98 9.14 6.21
CA GLU B 297 10.10 10.21 5.24
C GLU B 297 11.53 10.29 4.75
N LYS B 298 11.72 10.19 3.44
CA LYS B 298 13.04 10.26 2.86
C LYS B 298 13.05 11.36 1.80
N ARG B 299 14.12 12.15 1.79
CA ARG B 299 14.29 13.23 0.84
C ARG B 299 15.38 12.85 -0.14
N LEU B 300 15.07 12.94 -1.43
CA LEU B 300 15.92 12.37 -2.48
C LEU B 300 16.98 13.39 -2.87
N GLY B 301 18.08 13.38 -2.13
CA GLY B 301 19.26 14.14 -2.54
C GLY B 301 18.96 15.61 -2.72
N ALA B 302 19.54 16.19 -3.78
CA ALA B 302 19.40 17.61 -4.05
C ALA B 302 18.02 17.99 -4.57
N ALA B 303 17.31 17.04 -5.19
CA ALA B 303 16.00 17.34 -5.71
C ALA B 303 15.01 17.60 -4.57
N PRO B 304 13.91 18.28 -4.86
CA PRO B 304 12.95 18.62 -3.79
C PRO B 304 11.99 17.50 -3.43
N VAL B 305 11.98 16.39 -4.16
CA VAL B 305 11.04 15.30 -3.89
C VAL B 305 11.28 14.76 -2.49
N THR B 306 10.22 14.27 -1.86
CA THR B 306 10.30 13.64 -0.55
C THR B 306 9.29 12.52 -0.46
N LEU B 307 9.76 11.28 -0.58
CA LEU B 307 8.88 10.14 -0.46
C LEU B 307 8.43 9.97 0.98
N THR B 308 7.35 9.21 1.16
CA THR B 308 6.78 8.97 2.49
C THR B 308 6.14 7.60 2.51
N PHE B 309 6.70 6.70 3.30
CA PHE B 309 6.19 5.34 3.43
CA PHE B 309 6.19 5.34 3.43
C PHE B 309 5.54 5.18 4.79
N ALA B 310 4.24 4.83 4.78
CA ALA B 310 3.48 4.68 6.02
C ALA B 310 2.84 3.30 6.03
N ALA B 311 3.13 2.53 7.07
CA ALA B 311 2.60 1.18 7.23
C ALA B 311 1.96 1.06 8.59
N ASP B 312 0.92 0.23 8.68
CA ASP B 312 0.14 0.11 9.91
C ASP B 312 -0.35 -1.32 10.00
N VAL B 313 0.03 -2.01 11.08
CA VAL B 313 -0.27 -3.43 11.26
C VAL B 313 -1.01 -3.61 12.58
N ASP B 314 -2.15 -4.29 12.53
CA ASP B 314 -2.93 -4.60 13.72
C ASP B 314 -2.73 -6.08 14.04
N HIS B 315 -2.06 -6.35 15.15
CA HIS B 315 -1.68 -7.72 15.47
C HIS B 315 -2.84 -8.58 15.94
N VAL B 316 -3.92 -7.98 16.44
CA VAL B 316 -5.07 -8.77 16.86
C VAL B 316 -5.74 -9.41 15.65
N THR B 317 -5.94 -8.64 14.58
CA THR B 317 -6.59 -9.14 13.38
C THR B 317 -5.62 -9.45 12.25
N GLN B 318 -4.34 -9.12 12.41
CA GLN B 318 -3.32 -9.41 11.42
C GLN B 318 -3.60 -8.75 10.07
N GLN B 319 -4.39 -7.68 10.07
CA GLN B 319 -4.59 -6.90 8.86
C GLN B 319 -3.62 -5.72 8.83
N ALA B 320 -3.32 -5.25 7.62
CA ALA B 320 -2.33 -4.20 7.42
C ALA B 320 -2.85 -3.15 6.45
N LYS B 321 -2.64 -1.89 6.82
CA LYS B 321 -2.92 -0.76 5.95
C LYS B 321 -1.62 -0.14 5.48
N LEU B 322 -1.52 0.13 4.19
CA LEU B 322 -0.28 0.56 3.58
C LEU B 322 -0.54 1.83 2.78
N GLY B 323 0.43 2.74 2.78
CA GLY B 323 0.31 3.98 2.04
C GLY B 323 1.67 4.54 1.67
N MET B 324 1.74 5.07 0.46
CA MET B 324 2.95 5.70 -0.06
C MET B 324 2.58 7.08 -0.60
N SER B 325 3.50 8.02 -0.45
CA SER B 325 3.26 9.38 -0.92
C SER B 325 4.54 9.95 -1.51
N VAL B 326 4.37 10.87 -2.46
CA VAL B 326 5.48 11.60 -3.05
C VAL B 326 5.09 13.07 -3.08
N SER B 327 5.88 13.91 -2.41
CA SER B 327 5.65 15.34 -2.37
C SER B 327 6.73 16.03 -3.19
N ILE B 328 6.31 16.82 -4.17
CA ILE B 328 7.22 17.55 -5.03
C ILE B 328 7.06 19.03 -4.72
N GLU B 329 8.12 19.80 -4.95
CA GLU B 329 8.07 21.25 -4.72
C GLU B 329 9.00 21.94 -5.71
N ALA B 330 8.42 22.38 -6.83
CA ALA B 330 9.13 23.30 -7.70
C ALA B 330 9.20 24.67 -7.04
N SER B 331 9.87 25.61 -7.70
CA SER B 331 9.97 26.96 -7.17
C SER B 331 10.57 27.88 -8.22
N ASP B 332 10.04 29.11 -8.25
CA ASP B 332 10.59 30.18 -9.07
C ASP B 332 11.18 31.29 -8.22
N VAL B 333 11.67 30.98 -7.02
CA VAL B 333 12.17 31.97 -6.08
C VAL B 333 13.68 31.84 -5.97
N ASP B 334 14.39 32.92 -6.22
CA ASP B 334 15.79 33.03 -5.83
C ASP B 334 15.82 33.16 -4.31
N LEU B 335 16.17 32.07 -3.63
CA LEU B 335 15.97 32.00 -2.19
C LEU B 335 16.57 33.21 -1.48
N GLN B 336 17.84 33.50 -1.76
CA GLN B 336 18.49 34.62 -1.09
C GLN B 336 17.93 35.96 -1.53
N GLU B 337 17.22 36.01 -2.66
CA GLU B 337 16.59 37.26 -3.09
C GLU B 337 15.52 37.71 -2.10
N GLN B 338 14.71 36.77 -1.60
CA GLN B 338 13.62 37.09 -0.70
C GLN B 338 13.77 36.48 0.68
N GLN B 339 14.67 35.52 0.88
CA GLN B 339 14.82 34.90 2.19
C GLN B 339 15.18 35.92 3.26
N GLU B 340 15.88 37.00 2.87
CA GLU B 340 16.23 38.03 3.84
C GLU B 340 15.00 38.65 4.48
N GLY B 341 13.90 38.75 3.75
CA GLY B 341 12.66 39.27 4.31
C GLY B 341 11.81 38.19 4.95
N ALA B 342 11.84 36.97 4.37
CA ALA B 342 11.05 35.88 4.92
C ALA B 342 11.48 35.54 6.34
N GLN B 343 12.78 35.59 6.62
CA GLN B 343 13.26 35.29 7.96
C GLN B 343 12.55 36.11 9.02
N SER B 344 12.23 37.37 8.71
CA SER B 344 11.52 38.25 9.63
C SER B 344 10.05 38.42 9.27
N LEU B 345 9.55 37.71 8.26
CA LEU B 345 8.16 37.84 7.85
C LEU B 345 7.29 36.99 8.78
N ASN B 346 6.61 37.65 9.71
CA ASN B 346 5.84 36.96 10.75
C ASN B 346 4.42 36.68 10.23
N ILE B 347 4.34 35.71 9.32
CA ILE B 347 3.03 35.35 8.75
C ILE B 347 2.13 34.82 9.86
N PRO B 348 0.89 35.30 10.00
CA PRO B 348 0.02 34.83 11.08
C PRO B 348 -0.67 33.51 10.75
N PHE B 349 0.12 32.44 10.65
CA PHE B 349 -0.44 31.12 10.40
C PHE B 349 -1.50 30.78 11.43
N TRP C 63 -38.69 29.39 -25.74
CA TRP C 63 -37.86 28.22 -25.47
C TRP C 63 -36.45 28.63 -25.07
N PHE C 64 -36.35 29.79 -24.41
CA PHE C 64 -35.04 30.29 -24.00
C PHE C 64 -34.38 29.33 -23.02
N TYR C 65 -35.15 28.78 -22.08
CA TYR C 65 -34.57 27.88 -21.09
C TYR C 65 -33.99 26.63 -21.72
N HIS C 66 -34.67 26.06 -22.72
CA HIS C 66 -34.20 24.83 -23.33
C HIS C 66 -32.82 25.02 -23.95
N LYS C 67 -32.63 26.11 -24.68
CA LYS C 67 -31.32 26.39 -25.25
C LYS C 67 -30.27 26.59 -24.15
N TYR C 68 -30.65 27.31 -23.10
CA TYR C 68 -29.72 27.53 -21.99
C TYR C 68 -29.34 26.21 -21.32
N SER C 69 -30.31 25.35 -21.09
CA SER C 69 -30.04 24.09 -20.41
C SER C 69 -29.06 23.24 -21.21
N THR C 70 -29.25 23.17 -22.53
CA THR C 70 -28.40 22.32 -23.37
C THR C 70 -26.94 22.73 -23.26
N THR C 71 -26.66 24.03 -23.36
CA THR C 71 -25.27 24.49 -23.27
C THR C 71 -24.68 24.20 -21.89
N THR C 72 -25.44 24.44 -20.83
CA THR C 72 -24.95 24.16 -19.49
C THR C 72 -24.65 22.68 -19.32
N ASN C 73 -25.53 21.81 -19.82
CA ASN C 73 -25.26 20.38 -19.79
C ASN C 73 -24.05 20.04 -20.65
N PHE C 74 -23.93 20.67 -21.83
CA PHE C 74 -22.80 20.40 -22.69
C PHE C 74 -21.48 20.79 -22.04
N VAL C 75 -21.39 22.03 -21.54
CA VAL C 75 -20.14 22.50 -20.95
C VAL C 75 -19.81 21.69 -19.70
N LYS C 76 -20.83 21.40 -18.88
CA LYS C 76 -20.59 20.58 -17.70
C LYS C 76 -20.04 19.21 -18.09
N SER C 77 -20.62 18.59 -19.13
CA SER C 77 -20.17 17.28 -19.53
C SER C 77 -18.73 17.31 -20.03
N THR C 78 -18.42 18.20 -20.98
CA THR C 78 -17.07 18.25 -21.53
C THR C 78 -16.07 18.72 -20.47
N LEU C 79 -16.44 19.74 -19.70
CA LEU C 79 -15.54 20.23 -18.66
C LEU C 79 -15.27 19.13 -17.65
N SER C 80 -16.31 18.40 -17.23
CA SER C 80 -16.10 17.26 -16.35
C SER C 80 -15.22 16.22 -17.03
N PHE C 81 -15.48 15.94 -18.30
CA PHE C 81 -14.63 15.01 -19.04
C PHE C 81 -13.20 15.52 -19.11
N ALA C 82 -13.03 16.82 -19.37
CA ALA C 82 -11.70 17.40 -19.37
C ALA C 82 -11.06 17.29 -17.99
N GLY C 83 -11.86 17.41 -16.93
CA GLY C 83 -11.32 17.25 -15.59
C GLY C 83 -10.79 15.86 -15.33
N ARG C 84 -11.59 14.85 -15.70
CA ARG C 84 -11.16 13.46 -15.48
C ARG C 84 -9.94 13.12 -16.32
N ALA C 85 -9.93 13.56 -17.57
CA ALA C 85 -8.80 13.26 -18.44
C ALA C 85 -7.52 13.88 -17.90
N ALA C 86 -7.59 15.11 -17.42
CA ALA C 86 -6.41 15.75 -16.86
C ALA C 86 -5.92 15.03 -15.61
N TRP C 87 -6.86 14.63 -14.75
CA TRP C 87 -6.47 13.89 -13.55
C TRP C 87 -5.82 12.57 -13.91
N ALA C 88 -6.39 11.84 -14.89
CA ALA C 88 -5.84 10.55 -15.26
C ALA C 88 -4.43 10.68 -15.80
N VAL C 89 -4.18 11.68 -16.64
CA VAL C 89 -2.84 11.87 -17.19
C VAL C 89 -1.85 12.19 -16.08
N SER C 90 -2.25 13.06 -15.14
CA SER C 90 -1.31 13.52 -14.12
C SER C 90 -0.87 12.38 -13.21
N VAL C 91 -1.81 11.54 -12.76
CA VAL C 91 -1.43 10.43 -11.88
C VAL C 91 -0.65 9.39 -12.68
N SER C 92 -1.13 9.04 -13.87
CA SER C 92 -0.42 8.07 -14.69
C SER C 92 1.00 8.51 -14.94
N GLY C 93 1.23 9.81 -15.09
CA GLY C 93 2.58 10.32 -15.18
C GLY C 93 3.36 10.13 -13.88
N LEU C 94 2.68 10.26 -12.74
CA LEU C 94 3.35 10.08 -11.47
C LEU C 94 3.60 8.62 -11.15
N LEU C 95 2.68 7.73 -11.53
CA LEU C 95 2.87 6.32 -11.28
C LEU C 95 4.12 5.80 -11.97
N ILE C 96 4.32 6.17 -13.23
CA ILE C 96 5.49 5.74 -13.97
C ILE C 96 6.64 6.72 -13.80
N GLY C 97 6.33 8.01 -13.72
CA GLY C 97 7.37 9.00 -13.66
C GLY C 97 8.24 8.90 -12.41
N VAL C 98 7.61 8.77 -11.25
CA VAL C 98 8.35 8.84 -10.00
C VAL C 98 9.21 7.60 -9.84
N PRO C 99 8.65 6.38 -9.87
CA PRO C 99 9.51 5.20 -9.72
C PRO C 99 10.58 5.11 -10.80
N PHE C 100 10.25 5.48 -12.03
CA PHE C 100 11.23 5.35 -13.11
C PHE C 100 12.39 6.32 -12.91
N ALA C 101 12.08 7.59 -12.67
CA ALA C 101 13.14 8.57 -12.49
C ALA C 101 14.04 8.20 -11.33
N ILE C 102 13.47 7.67 -10.24
CA ILE C 102 14.29 7.22 -9.12
C ILE C 102 15.22 6.10 -9.56
N ALA C 103 14.68 5.10 -10.27
CA ALA C 103 15.51 4.00 -10.74
C ALA C 103 16.51 4.49 -11.78
N PHE C 104 16.04 5.25 -12.78
CA PHE C 104 16.94 5.70 -13.83
C PHE C 104 18.04 6.58 -13.28
N ALA C 105 17.72 7.48 -12.36
CA ALA C 105 18.74 8.36 -11.81
C ALA C 105 19.90 7.56 -11.21
N GLU C 106 19.59 6.50 -10.49
CA GLU C 106 20.64 5.68 -9.90
C GLU C 106 21.48 5.01 -10.97
N ASP C 107 20.83 4.48 -12.01
CA ASP C 107 21.59 3.81 -13.07
C ASP C 107 22.60 4.74 -13.71
N GLN C 108 22.19 5.98 -14.01
CA GLN C 108 23.13 6.95 -14.53
C GLN C 108 24.25 7.20 -13.52
N ASN C 109 23.90 7.29 -12.24
CA ASN C 109 24.90 7.56 -11.22
C ASN C 109 25.96 6.46 -11.19
N TYR C 110 25.53 5.21 -11.23
CA TYR C 110 26.50 4.11 -11.27
C TYR C 110 27.33 4.15 -12.53
N ALA C 111 26.70 4.41 -13.67
CA ALA C 111 27.43 4.42 -14.94
C ALA C 111 28.51 5.47 -14.93
N ALA C 112 28.18 6.68 -14.46
CA ALA C 112 29.19 7.73 -14.37
C ALA C 112 30.28 7.33 -13.38
N MET C 113 29.90 6.74 -12.25
CA MET C 113 30.89 6.36 -11.25
C MET C 113 31.87 5.33 -11.80
N GLU C 114 31.35 4.26 -12.41
CA GLU C 114 32.24 3.24 -12.96
C GLU C 114 33.08 3.81 -14.10
N GLN C 115 32.49 4.65 -14.95
CA GLN C 115 33.28 5.33 -15.97
C GLN C 115 34.35 6.22 -15.35
N GLU C 116 33.99 6.93 -14.29
CA GLU C 116 34.98 7.73 -13.57
C GLU C 116 36.05 6.84 -12.97
N ALA C 117 35.66 5.68 -12.45
CA ALA C 117 36.63 4.74 -11.89
C ALA C 117 37.62 4.30 -12.97
N ARG C 118 37.15 4.03 -14.18
CA ARG C 118 38.04 3.64 -15.26
C ARG C 118 39.06 4.73 -15.55
N MET C 119 38.61 6.00 -15.57
CA MET C 119 39.54 7.09 -15.83
C MET C 119 40.63 7.17 -14.77
N ARG C 120 40.27 7.01 -13.50
CA ARG C 120 41.28 7.03 -12.45
C ARG C 120 42.25 5.86 -12.59
N GLU C 121 41.74 4.67 -12.94
CA GLU C 121 42.63 3.54 -13.16
C GLU C 121 43.59 3.78 -14.31
N LEU C 122 43.20 4.61 -15.27
CA LEU C 122 44.06 4.94 -16.41
C LEU C 122 45.06 6.02 -16.02
N TRP D 63 -11.53 -43.49 31.50
CA TRP D 63 -11.51 -42.08 31.13
C TRP D 63 -10.24 -41.73 30.36
N PHE D 64 -9.67 -42.73 29.67
CA PHE D 64 -8.44 -42.51 28.94
C PHE D 64 -8.61 -41.45 27.86
N TYR D 65 -9.72 -41.49 27.12
CA TYR D 65 -9.95 -40.51 26.08
C TYR D 65 -10.07 -39.10 26.64
N HIS D 66 -10.78 -38.94 27.76
CA HIS D 66 -10.98 -37.61 28.32
C HIS D 66 -9.65 -36.94 28.66
N LYS D 67 -8.75 -37.69 29.30
CA LYS D 67 -7.43 -37.15 29.59
C LYS D 67 -6.67 -36.83 28.32
N TYR D 68 -6.77 -37.72 27.32
CA TYR D 68 -6.06 -37.51 26.07
C TYR D 68 -6.51 -36.22 25.39
N SER D 69 -7.83 -36.00 25.35
CA SER D 69 -8.34 -34.80 24.68
C SER D 69 -7.83 -33.53 25.35
N THR D 70 -7.81 -33.51 26.69
CA THR D 70 -7.42 -32.29 27.40
C THR D 70 -5.99 -31.88 27.03
N THR D 71 -5.05 -32.83 27.10
CA THR D 71 -3.66 -32.50 26.77
C THR D 71 -3.53 -32.07 25.31
N THR D 72 -4.19 -32.78 24.39
CA THR D 72 -4.11 -32.39 22.99
C THR D 72 -4.67 -30.99 22.77
N ASN D 73 -5.78 -30.66 23.45
CA ASN D 73 -6.29 -29.30 23.38
C ASN D 73 -5.30 -28.30 23.97
N PHE D 74 -4.66 -28.68 25.08
CA PHE D 74 -3.69 -27.77 25.69
C PHE D 74 -2.54 -27.47 24.75
N VAL D 75 -1.90 -28.51 24.20
CA VAL D 75 -0.77 -28.27 23.31
C VAL D 75 -1.21 -27.54 22.05
N LYS D 76 -2.38 -27.89 21.52
CA LYS D 76 -2.90 -27.17 20.36
C LYS D 76 -3.07 -25.69 20.68
N SER D 77 -3.54 -25.37 21.88
CA SER D 77 -3.72 -23.97 22.27
C SER D 77 -2.38 -23.27 22.39
N THR D 78 -1.52 -23.75 23.29
CA THR D 78 -0.24 -23.08 23.51
C THR D 78 0.61 -23.07 22.25
N LEU D 79 0.67 -24.20 21.54
CA LEU D 79 1.42 -24.23 20.30
C LEU D 79 0.86 -23.25 19.29
N SER D 80 -0.46 -23.18 19.17
CA SER D 80 -1.07 -22.15 18.33
C SER D 80 -0.74 -20.76 18.84
N PHE D 81 -0.80 -20.58 20.16
CA PHE D 81 -0.42 -19.29 20.73
C PHE D 81 1.04 -18.97 20.43
N ALA D 82 1.91 -19.98 20.56
CA ALA D 82 3.31 -19.77 20.23
C ALA D 82 3.48 -19.39 18.76
N GLY D 83 2.67 -19.96 17.88
CA GLY D 83 2.72 -19.62 16.48
C GLY D 83 2.37 -18.17 16.23
N ARG D 84 1.28 -17.70 16.84
CA ARG D 84 0.88 -16.31 16.64
C ARG D 84 1.88 -15.35 17.26
N ALA D 85 2.39 -15.68 18.45
CA ALA D 85 3.37 -14.80 19.08
C ALA D 85 4.63 -14.68 18.25
N ALA D 86 5.11 -15.80 17.71
CA ALA D 86 6.32 -15.76 16.89
C ALA D 86 6.08 -14.98 15.60
N TRP D 87 4.91 -15.16 14.98
CA TRP D 87 4.59 -14.41 13.77
C TRP D 87 4.53 -12.93 14.06
N ALA D 88 3.87 -12.54 15.15
CA ALA D 88 3.73 -11.12 15.48
C ALA D 88 5.09 -10.47 15.72
N VAL D 89 5.98 -11.15 16.44
CA VAL D 89 7.30 -10.60 16.70
C VAL D 89 8.07 -10.44 15.40
N SER D 90 7.99 -11.45 14.53
CA SER D 90 8.79 -11.44 13.31
C SER D 90 8.40 -10.29 12.38
N VAL D 91 7.10 -10.09 12.17
CA VAL D 91 6.68 -8.99 11.29
C VAL D 91 6.95 -7.65 11.96
N SER D 92 6.60 -7.52 13.23
CA SER D 92 6.86 -6.26 13.93
C SER D 92 8.34 -5.91 13.88
N GLY D 93 9.22 -6.91 13.89
CA GLY D 93 10.63 -6.64 13.68
C GLY D 93 10.92 -6.15 12.27
N LEU D 94 10.19 -6.68 11.29
CA LEU D 94 10.40 -6.27 9.90
C LEU D 94 9.79 -4.91 9.62
N LEU D 95 8.64 -4.61 10.23
CA LEU D 95 8.01 -3.31 10.00
C LEU D 95 8.92 -2.17 10.44
N ILE D 96 9.55 -2.31 11.61
CA ILE D 96 10.45 -1.28 12.11
C ILE D 96 11.88 -1.55 11.69
N GLY D 97 12.25 -2.83 11.59
CA GLY D 97 13.63 -3.15 11.26
C GLY D 97 14.04 -2.69 9.88
N VAL D 98 13.21 -2.95 8.88
CA VAL D 98 13.62 -2.72 7.49
C VAL D 98 13.65 -1.23 7.21
N PRO D 99 12.58 -0.46 7.42
CA PRO D 99 12.66 0.98 7.15
C PRO D 99 13.72 1.67 7.97
N PHE D 100 13.90 1.27 9.23
CA PHE D 100 14.87 1.94 10.08
C PHE D 100 16.30 1.68 9.60
N ALA D 101 16.62 0.42 9.32
CA ALA D 101 17.97 0.10 8.87
C ALA D 101 18.29 0.83 7.58
N ILE D 102 17.32 0.94 6.68
CA ILE D 102 17.54 1.69 5.44
C ILE D 102 17.83 3.14 5.75
N ALA D 103 17.00 3.77 6.57
CA ALA D 103 17.22 5.17 6.92
C ALA D 103 18.51 5.33 7.72
N PHE D 104 18.71 4.49 8.72
CA PHE D 104 19.90 4.61 9.56
C PHE D 104 21.17 4.41 8.74
N ALA D 105 21.17 3.41 7.84
CA ALA D 105 22.35 3.15 7.03
C ALA D 105 22.76 4.41 6.28
N GLU D 106 21.80 5.14 5.72
CA GLU D 106 22.12 6.37 5.00
C GLU D 106 22.76 7.40 5.93
N ASP D 107 22.20 7.57 7.12
CA ASP D 107 22.72 8.59 8.02
C ASP D 107 24.18 8.32 8.36
N GLN D 108 24.53 7.07 8.65
CA GLN D 108 25.93 6.74 8.89
C GLN D 108 26.77 7.03 7.65
N ASN D 109 26.24 6.71 6.47
CA ASN D 109 26.99 6.93 5.24
C ASN D 109 27.32 8.40 5.06
N TYR D 110 26.33 9.28 5.27
CA TYR D 110 26.60 10.70 5.16
C TYR D 110 27.59 11.17 6.23
N ALA D 111 27.42 10.69 7.47
CA ALA D 111 28.29 11.13 8.55
C ALA D 111 29.74 10.77 8.26
N ALA D 112 29.98 9.55 7.80
CA ALA D 112 31.34 9.16 7.46
C ALA D 112 31.86 10.01 6.31
N MET D 113 31.01 10.27 5.31
CA MET D 113 31.46 11.03 4.14
C MET D 113 31.85 12.45 4.53
N GLU D 114 31.00 13.14 5.31
CA GLU D 114 31.32 14.50 5.70
C GLU D 114 32.57 14.54 6.57
N GLN D 115 32.70 13.59 7.49
CA GLN D 115 33.93 13.49 8.28
C GLN D 115 35.13 13.23 7.37
N GLU D 116 34.95 12.34 6.39
CA GLU D 116 36.01 12.09 5.42
C GLU D 116 36.34 13.35 4.64
N ALA D 117 35.32 14.14 4.30
CA ALA D 117 35.56 15.40 3.59
C ALA D 117 36.42 16.34 4.44
N ARG D 118 36.15 16.41 5.74
CA ARG D 118 36.95 17.26 6.61
C ARG D 118 38.41 16.82 6.61
N MET D 119 38.66 15.51 6.63
CA MET D 119 40.03 15.02 6.61
C MET D 119 40.77 15.47 5.36
N ARG D 120 40.11 15.38 4.20
CA ARG D 120 40.72 15.82 2.95
C ARG D 120 41.02 17.31 3.00
N GLU D 121 40.10 18.11 3.52
CA GLU D 121 40.34 19.54 3.64
C GLU D 121 41.51 19.82 4.57
N LEU D 122 41.58 19.11 5.69
CA LEU D 122 42.66 19.28 6.64
C LEU D 122 43.96 18.66 6.13
N ALA E 9 -27.72 -37.86 -15.73
CA ALA E 9 -27.27 -39.12 -16.30
C ALA E 9 -27.48 -39.14 -17.81
N LEU E 10 -26.94 -40.15 -18.48
CA LEU E 10 -27.04 -40.28 -19.92
C LEU E 10 -27.35 -41.73 -20.27
N SER E 11 -27.99 -41.92 -21.42
CA SER E 11 -28.36 -43.26 -21.86
C SER E 11 -27.12 -44.04 -22.27
N ARG E 12 -27.25 -45.37 -22.22
CA ARG E 12 -26.11 -46.23 -22.54
C ARG E 12 -25.60 -45.98 -23.95
N GLU E 13 -26.50 -45.97 -24.93
CA GLU E 13 -26.06 -45.79 -26.32
C GLU E 13 -25.38 -44.45 -26.51
N GLU E 14 -25.93 -43.38 -25.94
CA GLU E 14 -25.31 -42.06 -26.07
C GLU E 14 -23.93 -42.03 -25.45
N LEU E 15 -23.74 -42.73 -24.32
CA LEU E 15 -22.41 -42.79 -23.71
C LEU E 15 -21.40 -43.38 -24.68
N GLN E 16 -21.77 -44.46 -25.38
CA GLN E 16 -20.87 -45.02 -26.38
C GLN E 16 -20.59 -44.01 -27.49
N ALA E 17 -21.61 -43.30 -27.94
CA ALA E 17 -21.41 -42.29 -28.98
C ALA E 17 -20.46 -41.20 -28.52
N ALA E 18 -20.63 -40.71 -27.29
CA ALA E 18 -19.73 -39.68 -26.78
C ALA E 18 -18.29 -40.20 -26.72
N GLU E 19 -18.11 -41.42 -26.22
CA GLU E 19 -16.78 -42.00 -26.17
C GLU E 19 -16.24 -42.27 -27.57
N ALA E 20 -17.13 -42.59 -28.52
CA ALA E 20 -16.69 -42.84 -29.88
C ALA E 20 -16.04 -41.59 -30.48
N GLU E 21 -16.64 -40.43 -30.24
CA GLU E 21 -16.05 -39.18 -30.72
C GLU E 21 -14.80 -38.82 -29.94
N ALA E 22 -14.82 -39.02 -28.62
CA ALA E 22 -13.69 -38.62 -27.80
C ALA E 22 -12.42 -39.34 -28.24
N THR E 23 -12.50 -40.64 -28.47
CA THR E 23 -11.34 -41.36 -29.00
C THR E 23 -10.97 -40.83 -30.38
N PHE E 24 -11.95 -40.53 -31.22
CA PHE E 24 -11.65 -40.03 -32.56
C PHE E 24 -10.84 -38.74 -32.49
N THR E 25 -11.28 -37.79 -31.66
CA THR E 25 -10.56 -36.53 -31.56
C THR E 25 -9.13 -36.76 -31.06
N ILE E 26 -8.96 -37.59 -30.03
CA ILE E 26 -7.61 -37.94 -29.61
C ILE E 26 -6.88 -38.65 -30.74
N GLN E 27 -7.56 -39.57 -31.42
CA GLN E 27 -6.98 -40.18 -32.60
C GLN E 27 -6.68 -39.14 -33.66
N ARG E 28 -7.53 -38.11 -33.77
CA ARG E 28 -7.24 -37.02 -34.69
C ARG E 28 -6.00 -36.26 -34.24
N ALA E 29 -5.85 -36.05 -32.93
CA ALA E 29 -4.70 -35.31 -32.43
C ALA E 29 -3.40 -35.99 -32.80
N VAL E 30 -3.28 -37.28 -32.53
CA VAL E 30 -2.04 -37.98 -32.81
C VAL E 30 -1.74 -37.98 -34.30
N PHE E 31 -2.74 -38.22 -35.14
CA PHE E 31 -2.52 -38.17 -36.58
C PHE E 31 -1.92 -36.83 -36.98
N THR E 32 -2.47 -35.73 -36.45
CA THR E 32 -1.87 -34.42 -36.70
C THR E 32 -0.47 -34.32 -36.11
N ALA E 33 -0.27 -34.86 -34.91
CA ALA E 33 1.04 -34.77 -34.29
C ALA E 33 2.10 -35.43 -35.17
N VAL E 34 1.80 -36.61 -35.72
CA VAL E 34 2.72 -37.25 -36.64
C VAL E 34 2.93 -36.39 -37.88
N ALA E 35 1.86 -35.73 -38.36
CA ALA E 35 2.00 -34.88 -39.53
C ALA E 35 3.02 -33.77 -39.29
N LEU E 36 2.93 -33.11 -38.14
CA LEU E 36 3.93 -32.09 -37.82
C LEU E 36 5.32 -32.70 -37.72
N TYR E 37 5.44 -33.86 -37.09
CA TYR E 37 6.75 -34.50 -36.96
C TYR E 37 7.35 -34.79 -38.32
N LEU E 38 6.53 -35.18 -39.29
CA LEU E 38 6.99 -35.41 -40.65
C LEU E 38 7.04 -34.13 -41.48
N SER E 39 6.45 -33.05 -41.00
CA SER E 39 6.35 -31.84 -41.82
C SER E 39 7.71 -31.31 -42.27
N PRO E 40 8.74 -31.23 -41.43
CA PRO E 40 10.00 -30.64 -41.88
C PRO E 40 10.56 -31.29 -43.14
N PHE E 41 10.31 -32.59 -43.33
CA PHE E 41 10.84 -33.25 -44.52
C PHE E 41 10.23 -32.69 -45.79
N VAL E 42 8.91 -32.51 -45.81
CA VAL E 42 8.28 -31.99 -47.02
C VAL E 42 8.69 -30.56 -47.28
N ILE E 43 8.88 -29.76 -46.24
CA ILE E 43 9.31 -28.37 -46.43
C ILE E 43 10.65 -28.34 -47.17
N ASP E 44 11.59 -29.19 -46.76
CA ASP E 44 12.86 -29.25 -47.47
C ASP E 44 12.66 -29.65 -48.92
N ALA E 45 11.80 -30.64 -49.17
CA ALA E 45 11.48 -30.99 -50.54
C ALA E 45 10.81 -29.86 -51.28
N VAL E 46 10.20 -28.92 -50.57
CA VAL E 46 9.53 -27.76 -51.15
C VAL E 46 8.76 -28.15 -52.40
N ALA F 9 -38.95 19.08 23.63
CA ALA F 9 -39.34 20.39 24.14
C ALA F 9 -39.11 20.46 25.65
N LEU F 10 -39.20 21.67 26.19
CA LEU F 10 -38.98 21.89 27.61
C LEU F 10 -39.90 23.01 28.08
N SER F 11 -40.21 22.99 29.38
CA SER F 11 -41.09 24.00 29.96
C SER F 11 -40.35 25.33 30.10
N ARG F 12 -41.14 26.41 30.17
CA ARG F 12 -40.54 27.74 30.30
C ARG F 12 -39.71 27.84 31.56
N GLU F 13 -40.25 27.41 32.70
CA GLU F 13 -39.51 27.54 33.95
C GLU F 13 -38.21 26.75 33.90
N GLU F 14 -38.25 25.53 33.37
CA GLU F 14 -37.03 24.74 33.28
C GLU F 14 -35.99 25.40 32.38
N LEU F 15 -36.43 26.02 31.29
CA LEU F 15 -35.48 26.71 30.42
C LEU F 15 -34.73 27.80 31.19
N GLN F 16 -35.45 28.56 32.02
CA GLN F 16 -34.77 29.56 32.85
C GLN F 16 -33.79 28.89 33.80
N ALA F 17 -34.18 27.78 34.40
CA ALA F 17 -33.28 27.07 35.31
C ALA F 17 -32.03 26.60 34.58
N ALA F 18 -32.19 26.02 33.39
CA ALA F 18 -31.04 25.56 32.63
C ALA F 18 -30.12 26.73 32.29
N GLU F 19 -30.70 27.84 31.83
CA GLU F 19 -29.89 29.01 31.53
C GLU F 19 -29.27 29.59 32.79
N ALA F 20 -29.96 29.48 33.93
CA ALA F 20 -29.41 29.97 35.19
C ALA F 20 -28.13 29.23 35.54
N GLU F 21 -28.11 27.92 35.37
CA GLU F 21 -26.88 27.16 35.62
C GLU F 21 -25.81 27.46 34.58
N ALA F 22 -26.21 27.57 33.31
CA ALA F 22 -25.23 27.78 32.26
C ALA F 22 -24.44 29.06 32.49
N THR F 23 -25.13 30.15 32.82
CA THR F 23 -24.41 31.38 33.14
C THR F 23 -23.55 31.19 34.39
N PHE F 24 -24.05 30.45 35.37
CA PHE F 24 -23.28 30.24 36.59
C PHE F 24 -21.94 29.57 36.28
N THR F 25 -21.97 28.50 35.49
CA THR F 25 -20.72 27.82 35.16
C THR F 25 -19.77 28.75 34.42
N ILE F 26 -20.26 29.48 33.42
CA ILE F 26 -19.42 30.47 32.76
C ILE F 26 -18.96 31.53 33.76
N GLN F 27 -19.87 31.98 34.61
CA GLN F 27 -19.47 32.88 35.68
C GLN F 27 -18.45 32.21 36.60
N ARG F 28 -18.62 30.91 36.84
CA ARG F 28 -17.61 30.19 37.62
C ARG F 28 -16.29 30.12 36.87
N ALA F 29 -16.34 29.90 35.55
CA ALA F 29 -15.12 29.79 34.76
C ALA F 29 -14.28 31.06 34.87
N VAL F 30 -14.89 32.21 34.66
CA VAL F 30 -14.12 33.45 34.70
C VAL F 30 -13.55 33.69 36.08
N PHE F 31 -14.34 33.45 37.13
CA PHE F 31 -13.82 33.60 38.48
C PHE F 31 -12.56 32.76 38.67
N THR F 32 -12.58 31.50 38.23
CA THR F 32 -11.38 30.69 38.27
C THR F 32 -10.29 31.26 37.38
N ALA F 33 -10.66 31.74 36.19
CA ALA F 33 -9.66 32.30 35.28
C ALA F 33 -8.94 33.47 35.93
N VAL F 34 -9.68 34.35 36.59
CA VAL F 34 -9.04 35.45 37.30
C VAL F 34 -8.16 34.93 38.42
N ALA F 35 -8.58 33.84 39.08
CA ALA F 35 -7.78 33.29 40.17
C ALA F 35 -6.41 32.87 39.68
N LEU F 36 -6.35 32.18 38.53
CA LEU F 36 -5.06 31.81 37.97
C LEU F 36 -4.24 33.04 37.63
N TYR F 37 -4.89 34.04 37.03
CA TYR F 37 -4.16 35.26 36.67
C TYR F 37 -3.52 35.91 37.89
N LEU F 38 -4.20 35.85 39.04
CA LEU F 38 -3.62 36.36 40.28
C LEU F 38 -2.75 35.34 41.00
N SER F 39 -2.77 34.08 40.56
CA SER F 39 -2.07 33.04 41.30
C SER F 39 -0.58 33.30 41.46
N PRO F 40 0.15 33.71 40.42
CA PRO F 40 1.61 33.86 40.60
C PRO F 40 1.99 34.78 41.73
N PHE F 41 1.16 35.77 42.05
CA PHE F 41 1.51 36.69 43.13
C PHE F 41 1.54 35.97 44.48
N VAL F 42 0.53 35.13 44.75
CA VAL F 42 0.52 34.44 46.04
C VAL F 42 1.66 33.43 46.12
N ILE F 43 2.01 32.81 45.00
CA ILE F 43 3.13 31.87 45.00
C ILE F 43 4.41 32.57 45.45
N ASP F 44 4.65 33.78 44.94
CA ASP F 44 5.82 34.54 45.39
C ASP F 44 5.78 34.78 46.89
N ALA F 45 4.61 35.13 47.43
CA ALA F 45 4.48 35.25 48.88
C ALA F 45 4.76 33.94 49.58
N VAL F 46 4.62 32.82 48.87
CA VAL F 46 4.89 31.49 49.42
C VAL F 46 4.32 31.36 50.82
N SER G 22 -24.50 0.61 -43.40
CA SER G 22 -24.44 -0.83 -43.59
C SER G 22 -23.81 -1.51 -42.37
N THR G 23 -22.84 -2.39 -42.60
CA THR G 23 -22.22 -3.11 -41.50
C THR G 23 -21.46 -2.20 -40.54
N TYR G 24 -20.98 -1.05 -41.02
CA TYR G 24 -20.20 -0.18 -40.15
C TYR G 24 -21.00 0.27 -38.94
N ASP G 25 -22.33 0.32 -39.04
CA ASP G 25 -23.15 0.55 -37.86
C ASP G 25 -23.03 -0.60 -36.87
N SER G 26 -23.13 -1.83 -37.38
CA SER G 26 -23.03 -2.99 -36.50
C SER G 26 -21.63 -3.14 -35.91
N LEU G 27 -20.61 -2.57 -36.58
CA LEU G 27 -19.25 -2.70 -36.09
C LEU G 27 -19.09 -2.16 -34.69
N THR G 28 -19.84 -1.11 -34.34
CA THR G 28 -19.74 -0.46 -33.04
C THR G 28 -20.83 -0.91 -32.08
N SER G 29 -21.46 -2.05 -32.33
CA SER G 29 -22.49 -2.54 -31.44
C SER G 29 -21.94 -2.70 -30.03
N SER G 30 -22.85 -2.67 -29.04
CA SER G 30 -22.41 -2.75 -27.66
C SER G 30 -21.61 -4.01 -27.39
N GLU G 31 -22.05 -5.16 -27.92
CA GLU G 31 -21.36 -6.41 -27.68
C GLU G 31 -20.00 -6.45 -28.36
N ASN G 32 -19.89 -5.90 -29.57
CA ASN G 32 -18.62 -5.91 -30.28
C ASN G 32 -17.69 -4.78 -29.85
N ALA G 33 -18.10 -3.96 -28.88
CA ALA G 33 -17.28 -2.82 -28.49
C ALA G 33 -15.93 -3.27 -27.94
N SER G 34 -15.95 -4.18 -26.96
CA SER G 34 -14.70 -4.58 -26.33
C SER G 34 -13.77 -5.28 -27.32
N VAL G 35 -14.30 -6.14 -28.16
CA VAL G 35 -13.46 -6.89 -29.09
C VAL G 35 -12.78 -5.95 -30.06
N VAL G 36 -13.56 -5.12 -30.75
CA VAL G 36 -12.98 -4.26 -31.77
C VAL G 36 -12.04 -3.24 -31.15
N ARG G 37 -12.36 -2.75 -29.95
CA ARG G 37 -11.45 -1.84 -29.27
C ARG G 37 -10.13 -2.55 -28.94
N SER G 38 -10.22 -3.80 -28.50
CA SER G 38 -9.02 -4.54 -28.12
C SER G 38 -8.16 -4.86 -29.33
N ILE G 39 -8.77 -5.18 -30.47
CA ILE G 39 -8.00 -5.49 -31.66
C ILE G 39 -7.20 -4.27 -32.12
N ALA G 40 -7.84 -3.10 -32.11
CA ALA G 40 -7.16 -1.89 -32.58
C ALA G 40 -5.95 -1.58 -31.71
N PHE G 41 -6.11 -1.66 -30.40
CA PHE G 41 -4.99 -1.36 -29.50
C PHE G 41 -3.83 -2.31 -29.78
N PHE G 42 -4.11 -3.60 -29.96
CA PHE G 42 -3.04 -4.53 -30.30
C PHE G 42 -2.42 -4.17 -31.63
N GLY G 43 -3.25 -3.82 -32.62
CA GLY G 43 -2.71 -3.45 -33.92
C GLY G 43 -1.76 -2.27 -33.84
N ALA G 44 -2.13 -1.24 -33.08
CA ALA G 44 -1.26 -0.08 -32.95
C ALA G 44 0.03 -0.46 -32.25
N ALA G 45 -0.05 -1.23 -31.16
CA ALA G 45 1.13 -1.56 -30.39
C ALA G 45 2.14 -2.33 -31.23
N VAL G 46 1.66 -3.30 -32.01
CA VAL G 46 2.56 -4.08 -32.86
C VAL G 46 3.29 -3.17 -33.84
N ALA G 47 2.56 -2.28 -34.49
CA ALA G 47 3.20 -1.35 -35.43
C ALA G 47 4.15 -0.43 -34.69
N PHE G 48 3.75 0.07 -33.53
CA PHE G 48 4.58 1.02 -32.80
C PHE G 48 5.92 0.39 -32.43
N LEU G 49 5.89 -0.79 -31.83
CA LEU G 49 7.13 -1.44 -31.42
C LEU G 49 7.98 -1.80 -32.63
N SER G 50 7.35 -2.31 -33.70
CA SER G 50 8.10 -2.74 -34.86
C SER G 50 8.55 -1.57 -35.74
N SER G 51 7.99 -0.38 -35.54
CA SER G 51 8.37 0.77 -36.34
C SER G 51 9.57 1.48 -35.71
N SER G 52 10.13 2.42 -36.47
CA SER G 52 11.26 3.19 -35.97
C SER G 52 10.87 4.00 -34.74
N TRP G 53 9.57 4.26 -34.55
CA TRP G 53 9.13 4.95 -33.35
C TRP G 53 9.37 4.14 -32.10
N GLY G 54 9.49 2.81 -32.21
CA GLY G 54 9.72 1.99 -31.05
C GLY G 54 10.96 2.39 -30.28
N GLU G 55 11.93 2.99 -30.98
CA GLU G 55 13.16 3.41 -30.31
C GLU G 55 12.91 4.47 -29.26
N MET G 56 11.73 5.10 -29.27
CA MET G 56 11.46 6.14 -28.28
C MET G 56 11.54 5.61 -26.86
N LEU G 57 11.09 4.39 -26.64
CA LEU G 57 11.13 3.82 -25.29
C LEU G 57 12.55 3.68 -24.77
N VAL G 58 13.54 3.60 -25.65
CA VAL G 58 14.92 3.40 -25.23
C VAL G 58 15.47 4.72 -24.70
N VAL G 59 15.99 4.69 -23.47
CA VAL G 59 16.62 5.85 -22.85
C VAL G 59 18.00 5.43 -22.39
N GLN G 60 19.01 6.24 -22.71
CA GLN G 60 20.39 5.92 -22.37
C GLN G 60 21.22 7.20 -22.26
N SER H 22 -10.84 -10.19 47.98
CA SER H 22 -11.31 -8.82 48.14
C SER H 22 -11.45 -8.15 46.77
N THR H 23 -11.01 -6.89 46.68
CA THR H 23 -11.19 -6.13 45.44
C THR H 23 -10.38 -6.69 44.28
N TYR H 24 -9.32 -7.46 44.54
CA TYR H 24 -8.49 -7.96 43.45
C TYR H 24 -9.30 -8.80 42.47
N ASP H 25 -10.40 -9.40 42.91
CA ASP H 25 -11.28 -10.08 41.98
C ASP H 25 -11.90 -9.10 41.00
N SER H 26 -12.42 -7.97 41.52
CA SER H 26 -13.07 -7.00 40.65
C SER H 26 -12.08 -6.26 39.77
N LEU H 27 -10.80 -6.26 40.15
CA LEU H 27 -9.80 -5.49 39.40
C LEU H 27 -9.68 -5.96 37.96
N THR H 28 -9.88 -7.25 37.71
CA THR H 28 -9.73 -7.83 36.38
C THR H 28 -11.07 -8.03 35.69
N SER H 29 -12.13 -7.37 36.15
CA SER H 29 -13.44 -7.51 35.54
C SER H 29 -13.37 -7.15 34.05
N SER H 30 -14.41 -7.52 33.32
CA SER H 30 -14.43 -7.26 31.88
C SER H 30 -14.38 -5.77 31.59
N GLU H 31 -15.15 -4.96 32.31
CA GLU H 31 -15.20 -3.53 32.04
C GLU H 31 -13.89 -2.84 32.42
N ASN H 32 -13.26 -3.26 33.52
CA ASN H 32 -12.02 -2.63 33.94
C ASN H 32 -10.80 -3.18 33.21
N ALA H 33 -11.01 -4.10 32.28
CA ALA H 33 -9.87 -4.74 31.62
C ALA H 33 -9.06 -3.72 30.84
N SER H 34 -9.71 -2.95 29.97
CA SER H 34 -8.97 -2.01 29.12
C SER H 34 -8.34 -0.91 29.94
N VAL H 35 -9.07 -0.36 30.91
CA VAL H 35 -8.56 0.77 31.68
C VAL H 35 -7.32 0.36 32.46
N VAL H 36 -7.41 -0.75 33.20
CA VAL H 36 -6.28 -1.15 34.04
C VAL H 36 -5.10 -1.55 33.17
N ARG H 37 -5.34 -2.20 32.03
CA ARG H 37 -4.25 -2.53 31.13
C ARG H 37 -3.60 -1.26 30.58
N SER H 38 -4.41 -0.27 30.21
CA SER H 38 -3.86 0.95 29.63
C SER H 38 -3.01 1.71 30.64
N ILE H 39 -3.46 1.76 31.91
CA ILE H 39 -2.69 2.49 32.91
C ILE H 39 -1.32 1.86 33.12
N ALA H 40 -1.27 0.52 33.18
CA ALA H 40 0.00 -0.14 33.42
C ALA H 40 0.99 0.14 32.30
N PHE H 41 0.53 0.04 31.05
CA PHE H 41 1.41 0.33 29.92
C PHE H 41 1.96 1.75 30.01
N PHE H 42 1.11 2.72 30.32
CA PHE H 42 1.58 4.08 30.49
C PHE H 42 2.60 4.17 31.62
N GLY H 43 2.31 3.50 32.75
CA GLY H 43 3.23 3.54 33.86
C GLY H 43 4.61 3.01 33.50
N ALA H 44 4.66 1.89 32.78
CA ALA H 44 5.94 1.34 32.36
C ALA H 44 6.67 2.28 31.43
N ALA H 45 5.97 2.84 30.43
CA ALA H 45 6.62 3.71 29.46
C ALA H 45 7.24 4.93 30.12
N VAL H 46 6.51 5.55 31.04
CA VAL H 46 7.05 6.73 31.72
C VAL H 46 8.33 6.39 32.45
N ALA H 47 8.33 5.29 33.20
CA ALA H 47 9.55 4.89 33.90
C ALA H 47 10.66 4.53 32.92
N PHE H 48 10.33 3.83 31.85
CA PHE H 48 11.35 3.41 30.89
C PHE H 48 12.05 4.61 30.26
N LEU H 49 11.28 5.61 29.85
CA LEU H 49 11.88 6.79 29.23
C LEU H 49 12.64 7.62 30.26
N SER H 50 12.08 7.75 31.47
CA SER H 50 12.66 8.60 32.50
C SER H 50 13.74 7.91 33.32
N SER H 51 14.32 6.83 32.81
CA SER H 51 15.36 6.10 33.52
C SER H 51 16.51 5.79 32.57
N SER H 52 17.63 5.34 33.14
CA SER H 52 18.80 5.06 32.33
C SER H 52 18.51 4.04 31.24
N TRP H 53 17.51 3.19 31.42
CA TRP H 53 17.13 2.26 30.36
C TRP H 53 16.68 3.00 29.12
N GLY H 54 16.14 4.22 29.28
CA GLY H 54 15.68 4.97 28.13
C GLY H 54 16.76 5.21 27.11
N GLU H 55 18.02 5.24 27.54
CA GLU H 55 19.11 5.48 26.62
C GLU H 55 19.20 4.41 25.54
N MET H 56 18.59 3.25 25.76
CA MET H 56 18.68 2.17 24.79
C MET H 56 18.16 2.59 23.43
N LEU H 57 17.17 3.50 23.40
CA LEU H 57 16.62 3.94 22.13
C LEU H 57 17.61 4.76 21.31
N VAL H 58 18.62 5.35 21.95
CA VAL H 58 19.56 6.21 21.25
C VAL H 58 20.58 5.36 20.54
N VAL H 59 20.74 5.60 19.24
CA VAL H 59 21.74 4.92 18.41
C VAL H 59 22.57 5.98 17.71
N GLN H 60 23.89 5.83 17.77
CA GLN H 60 24.79 6.80 17.19
C GLN H 60 26.11 6.14 16.80
N ALA I 3 -10.30 -54.98 -14.19
CA ALA I 3 -11.44 -55.38 -13.38
C ALA I 3 -11.32 -54.82 -11.97
N LEU I 4 -12.46 -54.52 -11.35
CA LEU I 4 -12.48 -53.98 -10.00
C LEU I 4 -13.62 -54.64 -9.23
N SER I 5 -13.44 -54.71 -7.91
CA SER I 5 -14.41 -55.34 -7.03
C SER I 5 -14.58 -54.49 -5.79
N GLU I 6 -15.73 -54.66 -5.12
CA GLU I 6 -16.00 -53.86 -3.93
C GLU I 6 -14.97 -54.11 -2.85
N GLU I 7 -14.56 -55.37 -2.65
CA GLU I 7 -13.58 -55.68 -1.63
C GLU I 7 -12.24 -55.00 -1.92
N SER I 8 -11.80 -55.02 -3.18
CA SER I 8 -10.55 -54.37 -3.53
C SER I 8 -10.65 -52.85 -3.47
N LYS I 9 -11.79 -52.30 -3.90
CA LYS I 9 -11.92 -50.84 -3.99
C LYS I 9 -11.78 -50.19 -2.62
N GLU I 10 -12.40 -50.78 -1.60
CA GLU I 10 -12.34 -50.17 -0.27
C GLU I 10 -10.92 -50.17 0.27
N ARG I 11 -10.19 -51.28 0.07
CA ARG I 11 -8.83 -51.36 0.60
C ARG I 11 -7.91 -50.37 -0.09
N ILE I 12 -7.94 -50.34 -1.42
CA ILE I 12 -7.08 -49.41 -2.15
C ILE I 12 -7.48 -47.97 -1.83
N GLY I 13 -8.77 -47.72 -1.63
CA GLY I 13 -9.21 -46.37 -1.31
C GLY I 13 -8.57 -45.83 -0.05
N LYS I 14 -8.53 -46.65 1.01
CA LYS I 14 -7.91 -46.19 2.24
C LYS I 14 -6.39 -46.14 2.12
N LEU I 15 -5.80 -47.03 1.32
CA LEU I 15 -4.35 -47.00 1.14
C LEU I 15 -3.92 -45.64 0.61
N ILE I 16 -4.63 -45.11 -0.39
CA ILE I 16 -4.34 -43.77 -0.86
C ILE I 16 -4.56 -42.76 0.26
N ASP I 17 -5.64 -42.93 1.02
CA ASP I 17 -5.90 -42.02 2.13
C ASP I 17 -4.79 -42.08 3.15
N ILE I 18 -4.31 -43.28 3.47
CA ILE I 18 -3.16 -43.39 4.37
C ILE I 18 -1.95 -42.72 3.75
N SER I 19 -1.71 -42.97 2.46
CA SER I 19 -0.59 -42.33 1.79
C SER I 19 -0.77 -40.81 1.75
N ARG I 20 -1.98 -40.33 1.51
CA ARG I 20 -2.20 -38.90 1.44
C ARG I 20 -1.82 -38.22 2.75
N VAL I 21 -2.19 -38.83 3.88
CA VAL I 21 -1.85 -38.23 5.15
C VAL I 21 -0.36 -38.36 5.44
N VAL I 22 0.29 -39.42 4.96
CA VAL I 22 1.71 -39.62 5.26
C VAL I 22 2.52 -38.46 4.69
N VAL I 23 2.33 -38.14 3.41
CA VAL I 23 3.09 -37.04 2.83
C VAL I 23 2.65 -35.72 3.43
N HIS I 24 1.36 -35.58 3.74
CA HIS I 24 0.86 -34.31 4.26
C HIS I 24 1.67 -33.86 5.47
N TYR I 25 2.11 -34.81 6.31
CA TYR I 25 2.86 -34.48 7.51
C TYR I 25 4.36 -34.71 7.32
N GLY I 26 4.74 -35.88 6.82
CA GLY I 26 6.14 -36.25 6.82
C GLY I 26 6.96 -35.72 5.67
N TYR I 27 6.32 -35.05 4.70
CA TYR I 27 7.06 -34.63 3.50
C TYR I 27 8.15 -33.62 3.86
N LEU I 28 7.76 -32.44 4.34
CA LEU I 28 8.77 -31.43 4.65
C LEU I 28 9.83 -31.95 5.61
N PRO I 29 9.49 -32.68 6.67
CA PRO I 29 10.56 -33.27 7.48
C PRO I 29 11.51 -34.14 6.68
N LEU I 30 11.02 -34.81 5.64
CA LEU I 30 11.94 -35.54 4.78
C LEU I 30 12.87 -34.60 4.01
N ILE I 31 12.34 -33.47 3.56
CA ILE I 31 13.18 -32.50 2.85
C ILE I 31 14.27 -31.98 3.78
N LEU I 32 13.89 -31.53 4.96
CA LEU I 32 14.88 -31.00 5.89
C LEU I 32 15.88 -32.08 6.28
N TYR I 33 15.44 -33.33 6.40
CA TYR I 33 16.37 -34.39 6.70
C TYR I 33 17.41 -34.54 5.61
N LEU I 34 16.97 -34.54 4.35
CA LEU I 34 17.92 -34.69 3.25
C LEU I 34 18.90 -33.52 3.22
N GLY I 35 18.39 -32.30 3.37
CA GLY I 35 19.24 -31.14 3.33
C GLY I 35 20.25 -31.11 4.46
N TYR I 36 19.80 -31.38 5.68
CA TYR I 36 20.68 -31.31 6.83
C TYR I 36 21.72 -32.43 6.81
N THR I 37 21.35 -33.60 6.31
CA THR I 37 22.26 -34.73 6.34
C THR I 37 23.36 -34.62 5.29
N ARG I 38 23.03 -34.20 4.06
CA ARG I 38 24.00 -34.26 2.97
C ARG I 38 24.24 -32.90 2.30
N SER I 39 23.99 -31.80 3.00
CA SER I 39 24.48 -30.51 2.53
C SER I 39 25.99 -30.47 2.62
N VAL I 40 26.62 -29.70 1.73
CA VAL I 40 28.08 -29.71 1.62
C VAL I 40 28.68 -29.46 2.99
N PRO I 41 28.47 -28.31 3.63
CA PRO I 41 28.74 -28.22 5.07
C PRO I 41 27.49 -28.57 5.85
N ARG I 42 27.65 -29.37 6.89
CA ARG I 42 26.50 -29.68 7.73
C ARG I 42 26.25 -28.54 8.69
N PRO I 43 25.14 -27.81 8.54
CA PRO I 43 24.90 -26.67 9.44
C PRO I 43 24.65 -27.14 10.87
N SER I 44 25.03 -26.30 11.82
CA SER I 44 24.63 -26.54 13.20
C SER I 44 23.11 -26.49 13.28
N ILE I 45 22.52 -27.50 13.92
CA ILE I 45 21.08 -27.71 13.82
C ILE I 45 20.32 -26.47 14.25
N ILE I 46 20.95 -25.59 15.03
CA ILE I 46 20.26 -24.37 15.45
C ILE I 46 19.92 -23.50 14.24
N ARG I 47 20.86 -23.36 13.31
CA ARG I 47 20.62 -22.51 12.15
C ARG I 47 19.48 -23.02 11.28
N LEU I 48 19.23 -24.34 11.31
CA LEU I 48 18.42 -24.95 10.26
C LEU I 48 17.08 -24.25 10.10
N LEU I 49 16.36 -24.02 11.20
CA LEU I 49 15.02 -23.45 11.15
C LEU I 49 15.01 -22.05 11.77
N SER I 50 16.14 -21.37 11.79
CA SER I 50 16.25 -20.01 12.29
C SER I 50 17.01 -19.14 11.29
N PRO I 51 16.46 -18.92 10.10
CA PRO I 51 17.14 -18.09 9.11
C PRO I 51 17.40 -16.68 9.60
N LEU I 52 18.52 -16.10 9.16
CA LEU I 52 18.86 -14.72 9.50
C LEU I 52 18.93 -14.55 11.02
N SER I 53 19.61 -15.46 11.69
CA SER I 53 19.76 -15.42 13.14
C SER I 53 20.64 -14.25 13.55
N ALA J 3 -33.96 43.42 19.10
CA ALA J 3 -35.22 42.81 18.69
C ALA J 3 -35.11 42.27 17.27
N LEU J 4 -35.95 41.27 16.96
CA LEU J 4 -35.97 40.64 15.64
C LEU J 4 -37.39 40.57 15.14
N SER J 5 -37.54 40.69 13.82
CA SER J 5 -38.84 40.67 13.17
C SER J 5 -38.78 39.75 11.96
N GLU J 6 -39.95 39.23 11.57
CA GLU J 6 -40.00 38.32 10.44
C GLU J 6 -39.49 38.98 9.17
N GLU J 7 -39.85 40.24 8.96
CA GLU J 7 -39.40 40.94 7.75
C GLU J 7 -37.88 41.04 7.72
N SER J 8 -37.26 41.41 8.84
CA SER J 8 -35.81 41.49 8.88
C SER J 8 -35.17 40.12 8.74
N LYS J 9 -35.77 39.10 9.34
CA LYS J 9 -35.15 37.78 9.35
C LYS J 9 -34.99 37.23 7.93
N GLU J 10 -36.01 37.38 7.09
CA GLU J 10 -35.92 36.87 5.73
C GLU J 10 -34.83 37.58 4.94
N ARG J 11 -34.72 38.90 5.07
CA ARG J 11 -33.72 39.65 4.30
C ARG J 11 -32.31 39.31 4.75
N ILE J 12 -32.06 39.32 6.07
CA ILE J 12 -30.74 38.99 6.56
C ILE J 12 -30.40 37.54 6.25
N GLY J 13 -31.40 36.65 6.31
CA GLY J 13 -31.15 35.25 6.03
C GLY J 13 -30.63 35.02 4.63
N LYS J 14 -31.25 35.67 3.64
CA LYS J 14 -30.78 35.51 2.27
C LYS J 14 -29.44 36.21 2.06
N LEU J 15 -29.17 37.30 2.78
CA LEU J 15 -27.89 37.98 2.63
C LEU J 15 -26.74 37.05 2.96
N ILE J 16 -26.87 36.30 4.04
CA ILE J 16 -25.86 35.30 4.37
C ILE J 16 -25.75 34.27 3.25
N ASP J 17 -26.90 33.81 2.75
CA ASP J 17 -26.89 32.85 1.66
C ASP J 17 -26.20 33.42 0.44
N ILE J 18 -26.49 34.67 0.10
CA ILE J 18 -25.79 35.33 -1.00
C ILE J 18 -24.30 35.40 -0.70
N SER J 19 -23.94 35.82 0.52
CA SER J 19 -22.53 35.90 0.88
C SER J 19 -21.89 34.51 0.87
N ARG J 20 -22.62 33.49 1.35
CA ARG J 20 -22.05 32.15 1.39
C ARG J 20 -21.67 31.68 -0.01
N VAL J 21 -22.52 31.96 -0.99
CA VAL J 21 -22.21 31.53 -2.35
C VAL J 21 -21.11 32.39 -2.96
N VAL J 22 -20.99 33.65 -2.54
CA VAL J 22 -19.98 34.53 -3.13
C VAL J 22 -18.59 33.99 -2.84
N VAL J 23 -18.30 33.69 -1.57
CA VAL J 23 -16.98 33.18 -1.24
C VAL J 23 -16.80 31.78 -1.80
N HIS J 24 -17.86 30.97 -1.81
CA HIS J 24 -17.75 29.60 -2.29
C HIS J 24 -17.12 29.56 -3.68
N TYR J 25 -17.47 30.52 -4.53
CA TYR J 25 -16.94 30.54 -5.88
C TYR J 25 -15.76 31.49 -6.02
N GLY J 26 -15.89 32.70 -5.47
CA GLY J 26 -14.93 33.75 -5.74
C GLY J 26 -13.79 33.87 -4.74
N TYR J 27 -13.62 32.89 -3.85
CA TYR J 27 -12.56 33.01 -2.86
C TYR J 27 -11.19 32.70 -3.48
N LEU J 28 -11.00 31.47 -3.96
CA LEU J 28 -9.72 31.14 -4.56
C LEU J 28 -9.35 32.10 -5.69
N PRO J 29 -10.25 32.49 -6.59
CA PRO J 29 -9.88 33.50 -7.59
C PRO J 29 -9.35 34.76 -6.95
N LEU J 30 -9.83 35.14 -5.77
CA LEU J 30 -9.26 36.28 -5.09
C LEU J 30 -7.84 36.00 -4.62
N ILE J 31 -7.59 34.78 -4.13
CA ILE J 31 -6.25 34.43 -3.67
C ILE J 31 -5.27 34.49 -4.85
N LEU J 32 -5.61 33.82 -5.95
CA LEU J 32 -4.72 33.82 -7.10
C LEU J 32 -4.53 35.24 -7.63
N TYR J 33 -5.57 36.07 -7.56
CA TYR J 33 -5.41 37.46 -7.98
C TYR J 33 -4.37 38.17 -7.13
N LEU J 34 -4.44 38.01 -5.80
CA LEU J 34 -3.48 38.67 -4.95
C LEU J 34 -2.07 38.17 -5.20
N GLY J 35 -1.90 36.85 -5.34
CA GLY J 35 -0.57 36.32 -5.57
C GLY J 35 0.01 36.79 -6.88
N TYR J 36 -0.78 36.72 -7.95
CA TYR J 36 -0.27 37.08 -9.28
C TYR J 36 0.01 38.57 -9.38
N THR J 37 -0.78 39.40 -8.69
CA THR J 37 -0.60 40.84 -8.80
C THR J 37 0.61 41.35 -8.02
N ARG J 38 0.83 40.85 -6.81
CA ARG J 38 1.85 41.44 -5.95
C ARG J 38 2.91 40.44 -5.47
N SER J 39 3.07 39.30 -6.16
CA SER J 39 4.25 38.49 -5.89
C SER J 39 5.49 39.23 -6.36
N VAL J 40 6.62 38.95 -5.69
CA VAL J 40 7.84 39.72 -5.94
C VAL J 40 8.14 39.72 -7.43
N PRO J 41 8.41 38.58 -8.06
CA PRO J 41 8.34 38.54 -9.53
C PRO J 41 6.94 38.13 -9.97
N ARG J 42 6.42 38.83 -10.97
CA ARG J 42 5.11 38.48 -11.49
C ARG J 42 5.26 37.34 -12.49
N PRO J 43 4.82 36.12 -12.16
CA PRO J 43 5.03 34.99 -13.08
C PRO J 43 4.22 35.16 -14.35
N SER J 44 4.74 34.60 -15.43
CA SER J 44 3.96 34.49 -16.65
C SER J 44 2.71 33.67 -16.36
N ILE J 45 1.56 34.19 -16.76
CA ILE J 45 0.29 33.64 -16.31
C ILE J 45 0.18 32.15 -16.61
N ILE J 46 0.94 31.64 -17.58
CA ILE J 46 0.88 30.22 -17.89
C ILE J 46 1.34 29.38 -16.71
N ARG J 47 2.42 29.80 -16.04
CA ARG J 47 2.95 29.01 -14.95
C ARG J 47 1.96 28.89 -13.80
N LEU J 48 1.05 29.85 -13.68
CA LEU J 48 0.28 30.00 -12.44
C LEU J 48 -0.39 28.70 -12.03
N LEU J 49 -1.12 28.07 -12.95
CA LEU J 49 -1.84 26.83 -12.66
C LEU J 49 -1.22 25.63 -13.36
N SER J 50 0.07 25.67 -13.64
CA SER J 50 0.79 24.54 -14.24
C SER J 50 2.08 24.27 -13.46
N PRO J 51 1.97 23.88 -12.19
CA PRO J 51 3.18 23.58 -11.41
C PRO J 51 3.99 22.45 -12.02
N LEU J 52 5.31 22.52 -11.85
CA LEU J 52 6.21 21.47 -12.31
C LEU J 52 6.04 21.23 -13.81
N SER J 53 6.11 22.33 -14.57
CA SER J 53 5.97 22.26 -16.02
C SER J 53 7.13 21.49 -16.65
C13 DU0 K . -3.24 5.24 -27.96
C15 DU0 K . -4.82 3.11 -26.11
C17 DU0 K . -10.96 3.60 -23.36
C20 DU0 K . -13.65 3.64 -22.33
C21 DU0 K . -15.08 3.50 -21.93
C22 DU0 K . -15.22 3.57 -20.41
C24 DU0 K . -17.26 2.20 -20.40
C26 DU0 K . -18.57 1.92 -18.22
C01 DU0 K . -8.55 1.80 -23.91
C02 DU0 K . -8.48 3.06 -23.06
C03 DU0 K . -9.55 4.10 -23.46
C04 DU0 K . -9.01 4.62 -24.79
C05 DU0 K . -7.54 4.85 -24.45
C06 DU0 K . -7.18 3.85 -23.29
C07 DU0 K . -5.91 3.15 -23.77
C08 DU0 K . -4.83 3.14 -22.71
C09 DU0 K . -5.50 3.94 -25.03
C11 DU0 K . -4.11 5.77 -25.68
C12 DU0 K . -3.11 4.93 -26.49
C14 DU0 K . -3.33 3.45 -26.23
C18 DU0 K . -11.93 4.68 -23.81
C19 DU0 K . -13.32 4.43 -23.36
C25 DU0 K . -18.62 2.22 -19.71
C27 DU0 K . -17.63 0.78 -17.82
C51 DU0 K . -18.18 3.18 -17.45
C75 DU0 K . -14.36 2.49 -19.78
C76 DU0 K . -12.92 2.73 -20.14
C77 DU0 K . -12.65 2.73 -21.65
C78 DU0 K . -12.85 1.31 -22.20
C79 DU0 K . -11.21 3.23 -21.89
C80 DU0 K . -10.16 2.26 -21.37
C81 DU0 K . -8.73 2.71 -21.59
O10 DU0 K . -4.69 5.04 -24.61
O16 DU0 K . -6.68 4.53 -25.56
O23 DU0 K . -16.58 3.38 -19.97
O28 DU0 K . -17.98 -0.36 -18.59
O52 DU0 K . -19.17 4.17 -17.71
C1 PLC L . 14.20 4.34 -2.33
C2 PLC L . 12.85 3.69 -2.11
C3 PLC L . 12.20 3.99 -0.78
C4 PLC L . 18.17 5.32 -2.67
C5 PLC L . 19.25 5.18 -1.62
C6 PLC L . 21.62 5.03 -0.94
C7 PLC L . 20.84 6.89 -2.26
C8 PLC L . 21.04 4.70 -3.27
C' PLC L . 11.11 3.15 -3.68
C1' PLC L . 10.22 3.77 -4.72
C2' PLC L . 9.07 4.59 -4.15
C3' PLC L . 8.00 4.88 -5.21
C4' PLC L . 6.93 5.87 -4.74
C5' PLC L . 5.88 6.11 -5.81
C6' PLC L . 4.80 7.12 -5.46
C7' PLC L . 3.71 7.21 -6.52
C8' PLC L . 2.66 8.29 -6.27
C9' PLC L . 1.49 8.20 -7.24
CA' PLC L . 0.41 9.25 -6.99
CB' PLC L . -0.91 8.91 -7.66
CB PLC L . 11.79 2.98 1.32
C1B PLC L . 10.69 1.94 1.43
C2B PLC L . 10.87 0.94 2.56
C3B PLC L . 9.88 -0.20 2.43
C4B PLC L . 10.02 -1.27 3.50
C5B PLC L . 8.93 -2.33 3.43
C6B PLC L . 9.02 -3.37 4.54
C7B PLC L . 7.85 -4.34 4.54
C8B PLC L . 7.88 -5.33 5.69
C9B PLC L . 6.62 -6.17 5.76
CAA PLC L . 6.63 -7.20 6.90
CBA PLC L . 5.28 -7.90 7.06
O' PLC L . 11.09 1.98 -3.37
OB PLC L . 12.08 3.76 2.16
O2 PLC L . 11.93 4.06 -3.15
O3 PLC L . 12.39 2.91 0.13
O1P PLC L . 16.72 2.77 -1.81
O2P PLC L . 17.10 4.31 0.23
O3P PLC L . 14.89 4.44 -1.10
O4P PLC L . 16.87 5.33 -2.12
N PLC L . 20.68 5.43 -2.02
P PLC L . 16.48 4.08 -1.12
C13 DU0 M . 5.67 -4.34 27.70
C15 DU0 M . 3.15 -3.35 26.06
C17 DU0 M . -2.29 -7.24 24.92
C20 DU0 M . -4.74 -8.71 24.56
C21 DU0 M . -6.08 -9.34 24.52
C22 DU0 M . -6.53 -9.60 23.08
C24 DU0 M . -8.94 -9.32 23.53
C26 DU0 M . -10.66 -10.33 21.93
C01 DU0 M . -1.08 -4.41 24.92
C02 DU0 M . -0.57 -5.56 24.05
C03 DU0 M . -0.83 -6.94 24.69
C04 DU0 M . 0.14 -6.96 25.85
C05 DU0 M . 1.42 -6.43 25.19
C06 DU0 M . 0.97 -5.58 23.95
C07 DU0 M . 1.76 -4.27 24.09
C08 DU0 M . 2.45 -3.91 22.80
C09 DU0 M . 2.76 -4.57 25.23
C11 DU0 M . 4.96 -5.46 25.60
C12 DU0 M . 5.51 -4.18 26.21
C14 DU0 M . 4.61 -3.00 25.90
C18 DU0 M . -2.45 -8.62 25.55
C19 DU0 M . -3.83 -9.13 25.45
C25 DU0 M . -10.21 -10.14 23.37
C27 DU0 M . -10.45 -9.12 21.02
C51 DU0 M . -9.94 -11.54 21.32
C75 DU0 M . -6.48 -8.31 22.28
C76 DU0 M . -5.06 -7.79 22.28
C77 DU0 M . -4.52 -7.50 23.68
C78 DU0 M . -5.28 -6.32 24.28
C79 DU0 M . -3.01 -7.19 23.56
C80 DU0 M . -2.74 -5.88 22.83
C81 DU0 M . -1.26 -5.54 22.69
O10 DU0 M . 3.91 -5.21 24.66
O16 DU0 M . 2.15 -5.57 26.05
O23 DU0 M . -7.87 -10.13 23.01
O28 DU0 M . -11.11 -8.01 21.61
O52 DU0 M . -10.35 -12.69 22.03
C13 DU0 N . -1.35 6.65 -20.03
C15 DU0 N . -4.65 7.33 -21.79
C17 DU0 N . -11.08 8.79 -19.70
C20 DU0 N . -13.73 9.46 -18.78
C21 DU0 N . -15.19 9.74 -18.59
C22 DU0 N . -15.79 8.89 -17.48
C24 DU0 N . -16.88 6.71 -17.13
C26 DU0 N . -18.02 7.66 -15.09
C01 DU0 N . -9.30 6.54 -20.80
C02 DU0 N . -9.01 7.27 -19.51
C03 DU0 N . -9.58 8.71 -19.52
C04 DU0 N . -8.65 9.43 -20.49
C05 DU0 N . -7.30 8.99 -19.93
C06 DU0 N . -7.51 7.56 -19.32
C07 DU0 N . -6.45 6.70 -20.03
C08 DU0 N . -5.85 5.69 -19.09
C09 DU0 N . -5.46 7.77 -20.57
C11 DU0 N . -3.43 7.73 -19.16
C12 DU0 N . -2.85 6.82 -20.22
C14 DU0 N . -3.17 7.42 -21.57
C18 DU0 N . -11.53 10.23 -19.68
C19 DU0 N . -12.95 10.41 -19.30
C25 DU0 N . -18.15 7.33 -16.57
C27 DU0 N . -19.23 8.45 -14.58
C51 DU0 N . -17.90 6.38 -14.27
C75 DU0 N . -14.70 8.53 -16.49
C76 DU0 N . -13.71 7.60 -17.13
C77 DU0 N . -13.25 8.06 -18.52
C78 DU0 N . -13.81 7.14 -19.60
C79 DU0 N . -11.70 8.03 -18.52
C80 DU0 N . -11.16 6.61 -18.44
C81 DU0 N . -9.65 6.55 -18.34
O10 DU0 N . -4.71 8.28 -19.47
O16 DU0 N . -6.29 8.87 -20.93
O23 DU0 N . -16.30 7.66 -18.04
O28 DU0 N . -19.26 9.70 -15.25
O52 DU0 N . -17.56 6.75 -12.94
C13 DU0 O . 4.30 14.42 -16.04
C15 DU0 O . 6.65 15.79 -13.39
C17 DU0 O . 12.73 13.87 -10.73
C20 DU0 O . 15.32 13.10 -9.70
C21 DU0 O . 16.63 13.03 -9.00
C22 DU0 O . 16.86 11.74 -8.21
C24 DU0 O . 18.48 10.88 -6.62
C26 DU0 O . 20.90 11.39 -7.08
C01 DU0 O . 9.90 14.75 -9.92
C02 DU0 O . 10.18 13.53 -10.79
C03 DU0 O . 11.50 13.67 -11.60
C04 DU0 O . 11.14 14.68 -12.68
C05 DU0 O . 9.84 14.06 -13.19
C06 DU0 O . 9.16 13.38 -11.95
C07 DU0 O . 7.79 14.05 -11.88
C08 DU0 O . 6.70 13.09 -11.47
C09 DU0 O . 7.61 14.61 -13.31
C11 DU0 O . 5.96 13.28 -14.56
C12 DU0 O . 5.05 14.50 -14.74
C14 DU0 O . 5.88 15.77 -14.69
C18 DU0 O . 13.97 14.02 -11.59
C19 DU0 O . 15.23 13.77 -10.86
C25 DU0 O . 19.67 10.60 -7.52
C27 DU0 O . 22.19 10.79 -7.62
C51 DU0 O . 20.76 12.82 -7.60
C75 DU0 O . 15.61 11.24 -7.49
C76 DU0 O . 14.39 11.29 -8.36
C77 DU0 O . 14.10 12.69 -8.92
C78 DU0 O . 13.91 13.67 -7.76
C79 DU0 O . 12.85 12.64 -9.83
C80 DU0 O . 11.56 12.38 -9.05
C81 DU0 O . 10.32 12.30 -9.93
O10 DU0 O . 7.32 13.56 -14.22
O16 DU0 O . 8.93 15.03 -13.68
O23 DU0 O . 17.82 12.01 -7.18
O28 DU0 O . 23.27 11.64 -7.25
O52 DU0 O . 19.69 13.44 -6.91
C13 DU0 P . 0.54 10.72 -21.86
C15 DU0 P . 1.92 9.27 -18.78
C17 DU0 P . 8.38 11.30 -17.96
C20 DU0 P . 10.94 12.25 -17.19
C21 DU0 P . 12.15 12.82 -16.56
C22 DU0 P . 13.40 11.97 -16.80
C24 DU0 P . 15.74 12.18 -16.38
C26 DU0 P . 17.50 13.36 -17.77
C01 DU0 P . 6.13 9.46 -16.94
C02 DU0 P . 6.72 9.36 -18.34
C03 DU0 P . 7.28 10.72 -18.83
C04 DU0 P . 6.03 11.54 -19.08
C05 DU0 P . 5.17 10.52 -19.85
C06 DU0 P . 5.63 9.11 -19.41
C07 DU0 P . 4.33 8.37 -19.06
C08 DU0 P . 4.23 7.00 -19.69
C09 DU0 P . 3.22 9.32 -19.57
C11 DU0 P . 1.75 8.62 -21.33
C12 DU0 P . 0.62 9.56 -20.92
C14 DU0 P . 0.83 10.04 -19.49
C18 DU0 P . 8.89 12.58 -18.58
C19 DU0 P . 10.16 13.02 -17.97
C25 DU0 P . 16.10 13.43 -17.17
C27 DU0 P . 18.59 13.19 -16.71
C51 DU0 P . 17.57 12.19 -18.75
C75 DU0 P . 13.13 10.50 -16.51
C76 DU0 P . 11.93 10.00 -17.27
C77 DU0 P . 10.65 10.79 -16.95
C78 DU0 P . 10.29 10.60 -15.49
C79 DU0 P . 9.53 10.28 -17.88
C80 DU0 P . 9.03 8.88 -17.51
C81 DU0 P . 7.88 8.39 -18.37
O10 DU0 P . 3.05 9.09 -20.95
O16 DU0 P . 3.79 10.64 -19.49
O23 DU0 P . 14.42 12.37 -15.88
O28 DU0 P . 19.85 13.28 -17.36
O52 DU0 P . 16.44 12.24 -19.60
C13 DU0 Q . 6.53 -5.41 19.56
C15 DU0 Q . 4.41 -7.56 21.87
C17 DU0 Q . -0.73 -12.12 21.02
C20 DU0 Q . -2.78 -14.10 20.59
C21 DU0 Q . -3.89 -15.09 20.65
C22 DU0 Q . -5.05 -14.71 19.74
C24 DU0 Q . -7.14 -13.42 19.80
C26 DU0 Q . -8.02 -14.85 17.91
C01 DU0 Q . -0.13 -9.25 21.97
C02 DU0 Q . 0.19 -9.76 20.58
C03 DU0 Q . 0.45 -11.29 20.54
C04 DU0 Q . 1.82 -11.41 21.22
C05 DU0 Q . 2.58 -10.35 20.42
C06 DU0 Q . 1.55 -9.23 20.06
C07 DU0 Q . 2.16 -7.96 20.63
C08 DU0 Q . 1.93 -6.77 19.73
C09 DU0 Q . 3.65 -8.35 20.81
C11 DU0 Q . 4.93 -7.23 19.00
C12 DU0 Q . 5.35 -6.21 20.05
C14 DU0 Q . 5.67 -6.96 21.34
C18 DU0 Q . -0.36 -13.59 20.96
C19 DU0 Q . -1.53 -14.48 20.89
C25 DU0 Q . -8.01 -14.62 19.42
C27 DU0 Q . -8.74 -16.16 17.55
C51 DU0 Q . -8.74 -13.69 17.21
C75 DU0 Q . -4.53 -13.86 18.59
C76 DU0 Q . -4.06 -12.54 19.13
C77 DU0 Q . -3.15 -12.65 20.36
C78 DU0 Q . -3.87 -12.14 21.60
C79 DU0 Q . -1.88 -11.82 20.06
C80 DU0 Q . -2.18 -10.32 20.02
C81 DU0 Q . -0.97 -9.50 19.64
O10 DU0 Q . 4.27 -8.39 19.53
O16 DU0 Q . 3.61 -9.72 21.20
O23 DU0 Q . -5.99 -13.92 20.49
O28 DU0 Q . -8.10 -17.22 18.23
O52 DU0 Q . -8.55 -13.86 15.81
C13 DU0 R . 14.70 -9.05 13.78
C15 DU0 R . 16.82 -9.20 10.62
C17 DU0 R . 20.13 -4.49 6.83
C20 DU0 R . 21.63 -2.54 5.34
C21 DU0 R . 22.54 -1.81 4.41
C22 DU0 R . 21.87 -0.70 3.59
C24 DU0 R . 22.48 0.77 1.77
C26 DU0 R . 24.87 1.52 1.82
C01 DU0 R . 18.25 -6.87 6.54
C02 DU0 R . 17.90 -5.65 7.36
C03 DU0 R . 19.16 -4.92 7.91
C04 DU0 R . 19.59 -5.82 9.05
C05 DU0 R . 18.26 -5.97 9.79
C06 DU0 R . 17.16 -5.99 8.67
C07 DU0 R . 16.48 -7.35 8.87
C08 DU0 R . 15.00 -7.29 8.61
C09 DU0 R . 16.84 -7.71 10.33
C11 DU0 R . 14.88 -7.53 11.81
C12 DU0 R . 15.05 -8.96 12.30
C14 DU0 R . 16.46 -9.45 12.06
C18 DU0 R . 21.36 -3.84 7.45
C19 DU0 R . 22.13 -3.03 6.49
C25 DU0 R . 23.48 1.69 2.41
C27 DU0 R . 25.76 2.74 2.05
C51 DU0 R . 25.52 0.30 2.47
C75 DU0 R . 20.48 -1.08 3.10
C76 DU0 R . 19.64 -1.71 4.18
C77 DU0 R . 20.29 -2.95 4.80
C78 DU0 R . 20.52 -3.99 3.72
C79 DU0 R . 19.38 -3.49 5.93
C80 DU0 R . 18.07 -4.06 5.41
C81 DU0 R . 17.16 -4.64 6.49
O10 DU0 R . 16.06 -6.93 11.22
O16 DU0 R . 18.17 -7.20 10.50
O23 DU0 R . 22.64 -0.51 2.40
O28 DU0 R . 27.06 2.45 1.56
O52 DU0 R . 24.80 -0.85 2.07
C13 DU0 S . 10.74 -7.89 20.61
C15 DU0 S . 10.14 -5.99 17.55
C17 DU0 S . 16.28 -4.32 15.11
C20 DU0 S . 18.76 -3.77 13.80
C21 DU0 S . 19.95 -3.59 12.93
C22 DU0 S . 20.61 -2.23 13.14
C24 DU0 S . 22.65 -1.14 12.54
C26 DU0 S . 24.93 -1.31 13.61
C01 DU0 S . 13.26 -3.89 14.79
C02 DU0 S . 14.03 -3.52 16.05
C03 DU0 S . 15.29 -4.40 16.24
C04 DU0 S . 14.72 -5.75 16.64
C05 DU0 S . 13.69 -5.31 17.70
C06 DU0 S . 13.24 -3.87 17.33
C07 DU0 S . 11.70 -3.96 17.32
C08 DU0 S . 11.05 -2.81 18.04
C09 DU0 S . 11.42 -5.33 18.00
C11 DU0 S . 10.31 -5.48 20.14
C12 DU0 S . 9.85 -6.91 19.88
C14 DU0 S . 9.83 -7.21 18.38
C18 DU0 S . 17.49 -5.19 15.41
C19 DU0 S . 18.64 -4.89 14.53
C25 DU0 S . 23.67 -2.05 13.21
C27 DU0 S . 25.68 -0.73 12.41
C51 DU0 S . 24.59 -0.18 14.58
C75 DU0 S . 19.57 -1.12 13.01
C76 DU0 S . 18.45 -1.34 13.99
C77 DU0 S . 17.73 -2.68 13.79
C78 DU0 S . 17.03 -2.68 12.44
C79 DU0 S . 16.72 -2.86 14.96
C80 DU0 S . 15.53 -1.92 14.87
C81 DU0 S . 14.51 -2.09 15.97
O10 DU0 S . 11.49 -5.13 19.40
O16 DU0 S . 12.54 -6.16 17.69
O23 DU0 S . 21.57 -1.99 12.12
O28 DU0 S . 26.90 -0.16 12.89
O52 DU0 S . 23.73 -0.71 15.58
#